data_5S71
#
_entry.id   5S71
#
_cell.length_a   150.099
_cell.length_b   150.099
_cell.length_c   112.256
_cell.angle_alpha   90.000
_cell.angle_beta   90.000
_cell.angle_gamma   120.000
#
_symmetry.space_group_name_H-M   'P 63'
#
loop_
_entity.id
_entity.type
_entity.pdbx_description
1 polymer 'Uridylate-specific endoribonuclease'
2 non-polymer 'CITRIC ACID'
3 non-polymer "5'-thiothymidine"
4 water water
#
_entity_poly.entity_id   1
_entity_poly.type   'polypeptide(L)'
_entity_poly.pdbx_seq_one_letter_code
;GAMSLENVAFNVVNKGHFDGQQGEVPVSIINNTVYTKVDGVDVELFENKTTLPVNVAFELWAKRNIKPVPEVKILNNLGV
DIAANTVIWDYKRDAPAHISTIGVCSMTDIAKKPTETICAPLTVFFDGRVDGQVDLFRNARNGVLITEGSVKGLQPSVGP
KQASLNGVTLIGEAVKTQFNYYKKVDGVVQQLPETYFTQSRNLQEFKPRSQMEIDFLELAMDEFIERYKLEGYAFEHIVY
GDFSHSQLGGLHLLIGLAKRFKESPFELEDFIPMDSTVKNYFITDAQTGSSKCVCSVIDLLLDDFVEIIKSQDLSVVSKV
VKVTIDYTEISFMLWCKDGHVETFYPKLQ
;
_entity_poly.pdbx_strand_id   A,B
#
# COMPACT_ATOMS: atom_id res chain seq x y z
N ALA A 2 -29.12 21.23 3.69
CA ALA A 2 -30.44 21.57 4.23
C ALA A 2 -31.08 20.28 4.79
N MET A 3 -30.44 19.77 5.83
CA MET A 3 -30.88 18.56 6.50
C MET A 3 -32.19 18.77 7.27
N SER A 4 -33.01 17.72 7.32
CA SER A 4 -34.28 17.70 8.02
C SER A 4 -34.77 16.28 8.22
N LEU A 5 -35.60 16.07 9.23
CA LEU A 5 -36.21 14.79 9.54
C LEU A 5 -37.03 14.28 8.32
N GLU A 6 -37.85 15.17 7.76
CA GLU A 6 -38.70 14.87 6.61
C GLU A 6 -37.88 14.54 5.35
N ASN A 7 -36.70 15.17 5.19
CA ASN A 7 -35.79 14.88 4.09
C ASN A 7 -35.09 13.52 4.31
N VAL A 8 -34.67 13.20 5.55
CA VAL A 8 -34.08 11.89 5.84
C VAL A 8 -35.12 10.80 5.56
N ALA A 9 -36.35 11.02 6.01
CA ALA A 9 -37.47 10.09 5.77
C ALA A 9 -37.78 9.92 4.30
N PHE A 10 -37.72 11.00 3.50
CA PHE A 10 -37.90 10.93 2.05
C PHE A 10 -36.82 10.02 1.45
N ASN A 11 -35.58 10.21 1.86
CA ASN A 11 -34.47 9.40 1.39
C ASN A 11 -34.67 7.93 1.77
N VAL A 12 -35.01 7.63 3.02
CA VAL A 12 -35.25 6.25 3.46
C VAL A 12 -36.36 5.60 2.61
N VAL A 13 -37.51 6.25 2.47
CA VAL A 13 -38.65 5.74 1.70
C VAL A 13 -38.30 5.50 0.22
N ASN A 14 -37.60 6.45 -0.41
CA ASN A 14 -37.34 6.35 -1.84
C ASN A 14 -36.04 5.71 -2.26
N LYS A 15 -35.00 5.79 -1.42
CA LYS A 15 -33.66 5.30 -1.72
C LYS A 15 -33.15 4.16 -0.83
N GLY A 16 -33.95 3.76 0.16
CA GLY A 16 -33.57 2.69 1.07
C GLY A 16 -32.61 3.09 2.19
N HIS A 17 -32.14 4.34 2.15
CA HIS A 17 -31.17 4.92 3.07
C HIS A 17 -30.96 6.41 2.65
N PHE A 18 -30.17 7.17 3.41
CA PHE A 18 -29.87 8.54 3.05
C PHE A 18 -28.97 8.56 1.80
N ASP A 19 -29.43 9.22 0.74
CA ASP A 19 -28.72 9.27 -0.53
C ASP A 19 -28.56 10.72 -1.09
N GLY A 20 -28.65 11.73 -0.21
CA GLY A 20 -28.52 13.13 -0.58
C GLY A 20 -29.58 13.68 -1.51
N GLN A 21 -30.72 12.99 -1.62
CA GLN A 21 -31.79 13.42 -2.50
C GLN A 21 -32.64 14.50 -1.88
N GLN A 22 -33.18 15.38 -2.71
CA GLN A 22 -34.07 16.43 -2.25
C GLN A 22 -35.48 15.87 -2.15
N GLY A 23 -36.26 16.35 -1.21
CA GLY A 23 -37.62 15.89 -1.02
C GLY A 23 -38.00 15.73 0.43
N GLU A 24 -39.31 15.67 0.72
CA GLU A 24 -39.81 15.53 2.08
C GLU A 24 -41.00 14.61 2.10
N VAL A 25 -41.11 13.78 3.16
CA VAL A 25 -42.30 12.96 3.41
C VAL A 25 -42.84 13.31 4.80
N PRO A 26 -44.17 13.28 4.98
CA PRO A 26 -44.71 13.53 6.32
C PRO A 26 -44.31 12.41 7.27
N VAL A 27 -43.89 12.81 8.45
CA VAL A 27 -43.45 11.86 9.46
C VAL A 27 -44.14 12.10 10.77
N SER A 28 -44.33 11.05 11.54
CA SER A 28 -44.79 11.20 12.90
C SER A 28 -43.88 10.43 13.84
N ILE A 29 -43.53 11.08 14.94
CA ILE A 29 -42.70 10.46 15.95
C ILE A 29 -43.54 10.12 17.15
N ILE A 30 -43.53 8.85 17.54
CA ILE A 30 -44.26 8.38 18.72
C ILE A 30 -43.46 7.29 19.37
N ASN A 31 -43.43 7.10 20.70
N ASN A 31 -43.04 7.83 20.51
CA ASN A 31 -42.75 5.93 21.36
CA ASN A 31 -42.17 7.43 21.57
C ASN A 31 -41.41 5.37 20.70
C ASN A 31 -40.79 7.39 20.96
N ASN A 32 -40.35 6.22 20.63
CA ASN A 32 -39.04 6.00 20.07
C ASN A 32 -39.10 5.41 18.68
N THR A 33 -40.16 5.71 17.94
CA THR A 33 -40.36 5.17 16.62
C THR A 33 -40.69 6.26 15.64
N VAL A 34 -40.19 6.15 14.41
CA VAL A 34 -40.47 7.07 13.34
C VAL A 34 -41.45 6.41 12.39
N TYR A 35 -42.57 7.06 12.08
CA TYR A 35 -43.54 6.54 11.15
C TYR A 35 -43.72 7.48 9.96
N THR A 36 -44.26 6.95 8.86
CA THR A 36 -44.64 7.76 7.73
C THR A 36 -46.02 7.30 7.24
N LYS A 37 -46.79 8.22 6.67
CA LYS A 37 -48.11 7.89 6.20
C LYS A 37 -48.06 7.20 4.83
N VAL A 38 -48.67 6.02 4.70
CA VAL A 38 -48.79 5.27 3.43
C VAL A 38 -50.21 4.70 3.37
N ASP A 39 -50.97 5.00 2.31
CA ASP A 39 -52.36 4.53 2.14
C ASP A 39 -53.26 4.98 3.30
N GLY A 40 -52.96 6.16 3.86
CA GLY A 40 -53.71 6.76 4.95
C GLY A 40 -53.33 6.25 6.33
N VAL A 41 -52.44 5.25 6.43
CA VAL A 41 -52.06 4.69 7.74
C VAL A 41 -50.56 4.82 8.01
N ASP A 42 -50.19 4.76 9.30
CA ASP A 42 -48.80 4.90 9.71
C ASP A 42 -48.01 3.63 9.50
N VAL A 43 -46.86 3.76 8.84
CA VAL A 43 -45.95 2.67 8.57
C VAL A 43 -44.63 2.99 9.26
N GLU A 44 -44.13 2.05 10.05
CA GLU A 44 -42.89 2.21 10.78
C GLU A 44 -41.64 2.25 9.87
N LEU A 45 -40.87 3.34 9.94
CA LEU A 45 -39.60 3.44 9.22
C LEU A 45 -38.40 3.11 10.10
N PHE A 46 -38.53 3.34 11.43
CA PHE A 46 -37.39 3.13 12.31
C PHE A 46 -37.78 3.07 13.78
N GLU A 47 -37.28 2.06 14.49
CA GLU A 47 -37.47 1.96 15.91
C GLU A 47 -36.11 2.23 16.54
N ASN A 48 -36.03 3.26 17.35
CA ASN A 48 -34.81 3.63 18.03
C ASN A 48 -34.47 2.65 19.15
N LYS A 49 -33.35 1.93 19.01
CA LYS A 49 -32.78 1.03 20.03
C LYS A 49 -31.52 1.67 20.69
N THR A 50 -31.24 2.95 20.40
CA THR A 50 -30.06 3.66 20.87
C THR A 50 -30.40 4.52 22.08
N THR A 51 -29.37 5.10 22.71
CA THR A 51 -29.58 6.04 23.78
C THR A 51 -29.63 7.50 23.26
N LEU A 52 -29.57 7.73 21.94
CA LEU A 52 -29.73 9.06 21.36
C LEU A 52 -31.23 9.37 21.22
N PRO A 53 -31.59 10.65 21.08
CA PRO A 53 -32.99 10.98 20.74
C PRO A 53 -33.42 10.27 19.42
N VAL A 54 -34.65 9.79 19.35
CA VAL A 54 -35.19 9.04 18.22
C VAL A 54 -34.88 9.63 16.83
N ASN A 55 -35.10 10.94 16.65
CA ASN A 55 -34.89 11.63 15.39
C ASN A 55 -33.40 11.74 15.03
N VAL A 56 -32.55 11.84 16.04
CA VAL A 56 -31.11 11.90 15.84
C VAL A 56 -30.61 10.51 15.42
N ALA A 57 -31.06 9.47 16.15
CA ALA A 57 -30.69 8.08 15.86
C ALA A 57 -31.17 7.66 14.46
N PHE A 58 -32.37 8.13 14.03
CA PHE A 58 -32.95 7.86 12.71
C PHE A 58 -32.02 8.43 11.63
N GLU A 59 -31.55 9.65 11.82
CA GLU A 59 -30.64 10.26 10.86
C GLU A 59 -29.29 9.54 10.74
N LEU A 60 -28.67 9.15 11.86
CA LEU A 60 -27.39 8.41 11.84
C LEU A 60 -27.56 7.04 11.22
N TRP A 61 -28.66 6.38 11.53
CA TRP A 61 -28.99 5.09 10.91
C TRP A 61 -29.17 5.26 9.39
N ALA A 62 -29.99 6.22 8.92
CA ALA A 62 -30.13 6.48 7.48
C ALA A 62 -28.78 6.79 6.83
N LYS A 63 -27.87 7.46 7.57
CA LYS A 63 -26.56 7.83 7.04
C LYS A 63 -25.47 6.82 7.30
N ARG A 64 -25.83 5.60 7.66
CA ARG A 64 -24.87 4.54 7.92
C ARG A 64 -24.10 4.18 6.65
N ASN A 65 -22.86 3.75 6.82
CA ASN A 65 -21.98 3.36 5.73
C ASN A 65 -22.51 2.07 5.13
N ILE A 66 -22.74 2.08 3.81
CA ILE A 66 -23.25 0.93 3.09
C ILE A 66 -22.22 0.24 2.20
N LYS A 67 -20.94 0.51 2.42
CA LYS A 67 -19.87 -0.18 1.75
C LYS A 67 -19.36 -1.20 2.75
N PRO A 68 -18.61 -2.24 2.33
CA PRO A 68 -18.00 -3.15 3.31
C PRO A 68 -17.07 -2.33 4.23
N VAL A 69 -17.26 -2.42 5.53
CA VAL A 69 -16.45 -1.69 6.50
C VAL A 69 -15.85 -2.65 7.50
N PRO A 70 -14.75 -2.25 8.18
CA PRO A 70 -14.19 -3.12 9.22
C PRO A 70 -15.25 -3.47 10.27
N GLU A 71 -15.24 -4.72 10.77
CA GLU A 71 -16.14 -5.12 11.86
C GLU A 71 -15.82 -4.26 13.08
N VAL A 72 -16.84 -3.82 13.82
CA VAL A 72 -16.69 -2.97 15.00
C VAL A 72 -15.62 -3.49 15.97
N LYS A 73 -15.54 -4.82 16.21
CA LYS A 73 -14.49 -5.36 17.09
C LYS A 73 -13.06 -4.95 16.66
N ILE A 74 -12.80 -4.88 15.34
CA ILE A 74 -11.52 -4.44 14.79
C ILE A 74 -11.27 -2.97 15.08
N LEU A 75 -12.27 -2.12 14.82
CA LEU A 75 -12.20 -0.68 15.07
C LEU A 75 -11.96 -0.42 16.56
N ASN A 76 -12.72 -1.09 17.45
CA ASN A 76 -12.58 -0.98 18.90
C ASN A 76 -11.16 -1.38 19.34
N ASN A 77 -10.65 -2.51 18.82
CA ASN A 77 -9.31 -3.01 19.15
C ASN A 77 -8.21 -2.08 18.70
N LEU A 78 -8.44 -1.33 17.60
CA LEU A 78 -7.52 -0.31 17.11
C LEU A 78 -7.69 1.05 17.76
N GLY A 79 -8.59 1.18 18.72
CA GLY A 79 -8.82 2.43 19.43
C GLY A 79 -9.55 3.51 18.66
N VAL A 80 -10.38 3.14 17.66
CA VAL A 80 -11.12 4.14 16.89
C VAL A 80 -12.18 4.80 17.81
N ASP A 81 -12.22 6.15 17.85
CA ASP A 81 -13.16 6.94 18.63
C ASP A 81 -14.31 7.50 17.80
N ILE A 82 -14.05 7.83 16.54
CA ILE A 82 -14.99 8.52 15.67
C ILE A 82 -14.62 8.24 14.23
N ALA A 83 -15.56 8.37 13.30
CA ALA A 83 -15.29 8.16 11.89
C ALA A 83 -15.36 9.47 11.13
N ALA A 84 -14.53 9.60 10.08
CA ALA A 84 -14.52 10.81 9.27
C ALA A 84 -15.64 10.77 8.24
N ASN A 85 -16.68 11.59 8.44
CA ASN A 85 -17.75 11.85 7.48
C ASN A 85 -18.56 10.64 7.06
N THR A 86 -18.82 9.76 8.01
CA THR A 86 -19.59 8.56 7.82
C THR A 86 -20.09 8.08 9.18
N VAL A 87 -21.02 7.13 9.18
CA VAL A 87 -21.48 6.52 10.41
C VAL A 87 -21.17 5.04 10.27
N ILE A 88 -20.40 4.47 11.23
CA ILE A 88 -20.20 3.05 11.25
C ILE A 88 -21.35 2.55 12.14
N TRP A 89 -22.32 1.86 11.55
CA TRP A 89 -23.46 1.37 12.32
C TRP A 89 -23.11 0.03 12.89
N ASP A 90 -23.37 -0.16 14.17
CA ASP A 90 -23.14 -1.43 14.81
C ASP A 90 -24.45 -2.20 14.75
N TYR A 91 -24.47 -3.22 13.94
CA TYR A 91 -25.65 -4.05 13.74
C TYR A 91 -25.93 -5.01 14.89
N LYS A 92 -24.96 -5.26 15.79
CA LYS A 92 -25.14 -6.13 16.96
C LYS A 92 -25.78 -5.31 18.11
N ARG A 93 -25.47 -4.02 18.21
CA ARG A 93 -26.07 -3.14 19.20
C ARG A 93 -27.27 -2.36 18.65
N ASP A 94 -27.54 -2.38 17.33
CA ASP A 94 -28.56 -1.58 16.63
C ASP A 94 -28.38 -0.12 16.97
N ALA A 95 -27.11 0.35 16.93
CA ALA A 95 -26.73 1.69 17.33
C ALA A 95 -25.46 2.13 16.62
N PRO A 96 -25.17 3.44 16.58
CA PRO A 96 -23.89 3.88 16.01
C PRO A 96 -22.70 3.33 16.81
N ALA A 97 -21.66 2.86 16.12
CA ALA A 97 -20.46 2.36 16.77
C ALA A 97 -19.75 3.46 17.58
N HIS A 98 -19.97 4.74 17.26
CA HIS A 98 -19.27 5.84 17.92
C HIS A 98 -20.22 6.88 18.47
N ILE A 99 -19.85 7.53 19.58
CA ILE A 99 -20.77 8.52 20.20
C ILE A 99 -21.02 9.75 19.37
N SER A 100 -19.96 10.27 18.76
CA SER A 100 -20.03 11.51 18.01
C SER A 100 -19.77 11.31 16.53
N THR A 101 -20.01 12.36 15.75
CA THR A 101 -19.79 12.30 14.31
C THR A 101 -18.96 13.53 13.83
N ILE A 102 -18.53 13.47 12.57
CA ILE A 102 -17.82 14.53 11.89
C ILE A 102 -18.48 14.67 10.52
N GLY A 103 -19.06 15.82 10.24
CA GLY A 103 -19.74 16.11 8.98
C GLY A 103 -20.90 15.20 8.62
N VAL A 104 -21.59 14.67 9.62
CA VAL A 104 -22.72 13.78 9.40
C VAL A 104 -24.09 14.36 9.79
N CYS A 105 -24.24 14.80 11.04
CA CYS A 105 -25.52 15.21 11.58
C CYS A 105 -25.30 16.35 12.57
N SER A 106 -26.09 17.42 12.48
CA SER A 106 -25.85 18.61 13.33
C SER A 106 -25.95 18.35 14.83
N MET A 107 -26.77 17.38 15.27
CA MET A 107 -26.91 17.08 16.67
C MET A 107 -25.74 16.30 17.26
N THR A 108 -25.04 15.49 16.45
CA THR A 108 -23.95 14.66 16.98
C THR A 108 -22.55 15.13 16.56
N ASP A 109 -22.46 16.00 15.54
CA ASP A 109 -21.19 16.49 15.05
C ASP A 109 -20.41 17.25 16.08
N ILE A 110 -19.15 16.87 16.23
CA ILE A 110 -18.22 17.66 17.02
C ILE A 110 -17.43 18.60 16.08
N ALA A 111 -17.46 18.35 14.76
CA ALA A 111 -16.76 19.05 13.71
C ALA A 111 -17.44 18.70 12.37
N LYS A 112 -17.16 19.50 11.33
CA LYS A 112 -17.61 19.22 9.97
C LYS A 112 -16.50 18.48 9.21
N LYS A 113 -15.22 18.76 9.54
CA LYS A 113 -14.07 18.13 8.91
C LYS A 113 -13.12 17.59 9.96
N PRO A 114 -12.48 16.44 9.68
CA PRO A 114 -11.55 15.87 10.68
C PRO A 114 -10.28 16.71 10.92
N THR A 115 -10.06 17.78 10.15
CA THR A 115 -8.92 18.67 10.33
C THR A 115 -9.14 19.68 11.46
N GLU A 116 -10.38 19.79 12.00
CA GLU A 116 -10.67 20.71 13.10
C GLU A 116 -9.94 20.24 14.36
N THR A 117 -9.44 21.19 15.16
CA THR A 117 -8.62 20.90 16.33
C THR A 117 -9.27 19.94 17.33
N ILE A 118 -10.62 19.93 17.46
CA ILE A 118 -11.31 19.00 18.36
C ILE A 118 -11.01 17.52 18.01
N CYS A 119 -10.73 17.22 16.74
CA CYS A 119 -10.47 15.87 16.27
C CYS A 119 -9.06 15.39 16.51
N ALA A 120 -8.10 16.32 16.69
CA ALA A 120 -6.69 15.95 16.84
C ALA A 120 -6.42 14.93 17.92
N PRO A 121 -6.99 15.05 19.14
CA PRO A 121 -6.75 14.01 20.16
C PRO A 121 -7.46 12.67 19.93
N LEU A 122 -8.52 12.68 19.11
CA LEU A 122 -9.32 11.49 18.86
C LEU A 122 -8.74 10.62 17.76
N THR A 123 -8.87 9.29 17.85
CA THR A 123 -8.44 8.42 16.77
C THR A 123 -9.58 8.40 15.75
N VAL A 124 -9.38 9.11 14.64
CA VAL A 124 -10.39 9.23 13.60
C VAL A 124 -10.25 8.08 12.58
N PHE A 125 -11.36 7.43 12.23
CA PHE A 125 -11.34 6.38 11.22
C PHE A 125 -11.38 7.04 9.85
N PHE A 126 -10.45 6.68 8.97
CA PHE A 126 -10.36 7.20 7.61
C PHE A 126 -10.49 6.07 6.61
N ASP A 127 -11.15 6.33 5.51
CA ASP A 127 -11.41 5.37 4.45
C ASP A 127 -10.78 5.82 3.15
N GLY A 128 -9.71 5.15 2.77
CA GLY A 128 -8.97 5.42 1.55
C GLY A 128 -9.81 5.30 0.30
N ARG A 129 -10.98 4.66 0.37
CA ARG A 129 -11.87 4.57 -0.78
C ARG A 129 -12.63 5.91 -1.01
N VAL A 130 -12.60 6.85 -0.06
CA VAL A 130 -13.25 8.15 -0.21
C VAL A 130 -12.13 9.12 -0.59
N ASP A 131 -12.35 9.93 -1.63
CA ASP A 131 -11.39 10.90 -2.10
C ASP A 131 -10.94 11.86 -0.99
N GLY A 132 -9.62 12.06 -0.87
CA GLY A 132 -9.03 12.94 0.13
C GLY A 132 -8.81 12.38 1.53
N GLN A 133 -9.31 11.16 1.82
CA GLN A 133 -9.22 10.63 3.19
C GLN A 133 -7.85 10.10 3.53
N VAL A 134 -7.05 9.62 2.54
CA VAL A 134 -5.67 9.23 2.84
C VAL A 134 -4.88 10.51 3.26
N ASP A 135 -5.11 11.64 2.57
CA ASP A 135 -4.44 12.92 2.88
C ASP A 135 -4.84 13.42 4.25
N LEU A 136 -6.11 13.24 4.61
CA LEU A 136 -6.61 13.62 5.93
C LEU A 136 -5.98 12.76 7.02
N PHE A 137 -5.71 11.49 6.73
CA PHE A 137 -5.03 10.62 7.68
C PHE A 137 -3.56 11.09 7.88
N ARG A 138 -2.85 11.45 6.80
CA ARG A 138 -1.48 11.95 6.92
C ARG A 138 -1.46 13.23 7.75
N ASN A 139 -2.49 14.08 7.64
CA ASN A 139 -2.54 15.30 8.42
C ASN A 139 -3.11 15.12 9.84
N ALA A 140 -3.77 14.00 10.12
CA ALA A 140 -4.37 13.74 11.42
C ALA A 140 -3.33 13.38 12.47
N ARG A 141 -3.55 13.82 13.70
CA ARG A 141 -2.67 13.49 14.80
C ARG A 141 -2.92 12.04 15.22
N ASN A 142 -4.20 11.62 15.28
CA ASN A 142 -4.59 10.27 15.66
C ASN A 142 -5.58 9.74 14.65
N GLY A 143 -5.37 8.51 14.22
CA GLY A 143 -6.25 7.93 13.23
C GLY A 143 -5.96 6.50 12.87
N VAL A 144 -6.92 5.91 12.18
CA VAL A 144 -6.83 4.56 11.64
C VAL A 144 -7.31 4.68 10.23
N LEU A 145 -6.54 4.15 9.30
CA LEU A 145 -6.86 4.24 7.90
C LEU A 145 -7.00 2.86 7.31
N ILE A 146 -8.00 2.69 6.43
CA ILE A 146 -8.12 1.47 5.66
C ILE A 146 -7.99 1.86 4.18
N THR A 147 -7.32 1.03 3.39
CA THR A 147 -7.20 1.23 1.96
C THR A 147 -7.35 -0.12 1.25
N GLU A 148 -7.64 -0.07 -0.05
CA GLU A 148 -7.69 -1.27 -0.89
C GLU A 148 -6.32 -1.59 -1.52
N GLY A 149 -5.41 -0.60 -1.60
CA GLY A 149 -4.07 -0.80 -2.14
C GLY A 149 -2.97 -0.06 -1.38
N SER A 150 -1.79 0.11 -2.01
CA SER A 150 -0.66 0.79 -1.37
C SER A 150 -0.85 2.28 -1.18
N VAL A 151 -0.27 2.79 -0.12
CA VAL A 151 -0.17 4.22 0.13
C VAL A 151 1.35 4.45 0.12
N LYS A 152 1.82 5.36 -0.74
CA LYS A 152 3.27 5.58 -0.91
C LYS A 152 3.97 5.90 0.43
N GLY A 153 4.98 5.08 0.75
CA GLY A 153 5.74 5.27 1.98
C GLY A 153 5.15 4.71 3.26
N LEU A 154 3.84 4.43 3.30
CA LEU A 154 3.21 3.87 4.49
C LEU A 154 3.24 2.36 4.52
N GLN A 155 3.86 1.78 5.54
CA GLN A 155 3.96 0.32 5.67
C GLN A 155 2.60 -0.24 6.06
N PRO A 156 2.04 -1.18 5.28
CA PRO A 156 0.70 -1.67 5.59
C PRO A 156 0.64 -2.88 6.50
N SER A 157 -0.54 -3.11 7.03
CA SER A 157 -0.88 -4.26 7.83
C SER A 157 -2.04 -4.91 7.10
N VAL A 158 -1.89 -6.16 6.65
CA VAL A 158 -3.00 -6.84 5.97
C VAL A 158 -4.06 -7.21 7.00
N GLY A 159 -5.25 -6.65 6.87
CA GLY A 159 -6.33 -6.91 7.81
C GLY A 159 -7.02 -8.23 7.59
N PRO A 160 -8.14 -8.47 8.30
CA PRO A 160 -8.89 -9.74 8.06
C PRO A 160 -9.47 -9.82 6.63
N LYS A 161 -9.70 -11.04 6.18
CA LYS A 161 -10.31 -11.28 4.87
C LYS A 161 -11.72 -10.73 4.81
N GLN A 162 -12.45 -10.79 5.94
CA GLN A 162 -13.84 -10.39 6.04
C GLN A 162 -14.04 -8.95 6.50
N ALA A 163 -15.15 -8.40 6.09
CA ALA A 163 -15.65 -7.10 6.45
C ALA A 163 -17.19 -7.21 6.60
N SER A 164 -17.79 -6.21 7.21
CA SER A 164 -19.22 -6.16 7.41
C SER A 164 -19.84 -5.28 6.31
N LEU A 165 -20.79 -5.84 5.54
CA LEU A 165 -21.51 -5.08 4.54
C LEU A 165 -22.99 -5.07 4.95
N ASN A 166 -23.48 -3.92 5.43
CA ASN A 166 -24.86 -3.81 5.89
C ASN A 166 -25.23 -4.84 6.95
N GLY A 167 -24.28 -5.09 7.85
CA GLY A 167 -24.44 -6.02 8.95
C GLY A 167 -24.24 -7.47 8.58
N VAL A 168 -23.81 -7.75 7.35
CA VAL A 168 -23.50 -9.11 6.94
C VAL A 168 -21.98 -9.22 6.89
N THR A 169 -21.40 -10.07 7.72
CA THR A 169 -19.96 -10.28 7.73
C THR A 169 -19.69 -11.27 6.61
N LEU A 170 -18.81 -10.89 5.68
CA LEU A 170 -18.51 -11.72 4.54
C LEU A 170 -17.13 -11.47 3.98
N ILE A 171 -16.62 -12.45 3.22
CA ILE A 171 -15.39 -12.38 2.47
C ILE A 171 -15.88 -12.06 1.07
N GLY A 172 -15.64 -10.82 0.65
CA GLY A 172 -16.15 -10.27 -0.59
C GLY A 172 -15.68 -10.96 -1.85
N GLU A 173 -16.62 -11.16 -2.78
CA GLU A 173 -16.31 -11.72 -4.09
C GLU A 173 -16.60 -10.65 -5.15
N ALA A 174 -17.74 -9.98 -5.03
CA ALA A 174 -18.10 -8.89 -5.94
C ALA A 174 -17.55 -7.53 -5.47
N VAL A 175 -17.14 -7.42 -4.19
CA VAL A 175 -16.58 -6.24 -3.52
C VAL A 175 -15.31 -6.66 -2.76
N LYS A 176 -14.43 -5.70 -2.47
CA LYS A 176 -13.21 -6.00 -1.72
C LYS A 176 -13.52 -5.83 -0.23
N THR A 177 -13.18 -6.83 0.58
CA THR A 177 -13.38 -6.76 2.03
C THR A 177 -12.05 -6.81 2.81
N GLN A 178 -10.94 -7.22 2.18
CA GLN A 178 -9.64 -7.24 2.85
C GLN A 178 -8.91 -5.91 2.66
N PHE A 179 -8.73 -5.17 3.73
CA PHE A 179 -8.11 -3.86 3.67
C PHE A 179 -6.71 -3.87 4.21
N ASN A 180 -5.93 -2.85 3.81
CA ASN A 180 -4.65 -2.56 4.40
C ASN A 180 -5.03 -1.63 5.56
N TYR A 181 -4.41 -1.83 6.70
CA TYR A 181 -4.65 -1.03 7.87
C TYR A 181 -3.43 -0.22 8.22
N TYR A 182 -3.66 1.01 8.64
CA TYR A 182 -2.63 1.95 9.07
C TYR A 182 -3.14 2.65 10.33
N LYS A 183 -2.26 2.99 11.27
CA LYS A 183 -2.65 3.66 12.51
C LYS A 183 -1.63 4.69 12.92
N LYS A 184 -2.09 5.80 13.46
CA LYS A 184 -1.25 6.86 13.96
C LYS A 184 -1.63 7.20 15.36
N VAL A 185 -0.62 7.39 16.23
CA VAL A 185 -0.81 7.85 17.60
C VAL A 185 0.10 9.07 17.77
N ASP A 186 -0.42 10.20 18.26
CA ASP A 186 0.34 11.42 18.54
C ASP A 186 1.20 11.91 17.35
N GLY A 187 0.62 11.88 16.16
CA GLY A 187 1.23 12.32 14.93
C GLY A 187 2.25 11.37 14.35
N VAL A 188 2.40 10.19 14.94
CA VAL A 188 3.41 9.24 14.53
C VAL A 188 2.76 7.96 14.08
N VAL A 189 3.08 7.48 12.87
CA VAL A 189 2.56 6.21 12.37
C VAL A 189 3.10 5.10 13.24
N GLN A 190 2.21 4.24 13.68
CA GLN A 190 2.53 3.12 14.52
C GLN A 190 2.59 1.82 13.72
N GLN A 191 3.54 0.99 14.08
CA GLN A 191 3.70 -0.32 13.50
C GLN A 191 2.62 -1.21 14.11
N LEU A 192 1.73 -1.74 13.28
CA LEU A 192 0.69 -2.64 13.75
C LEU A 192 1.32 -4.00 13.97
N PRO A 193 0.98 -4.66 15.08
CA PRO A 193 1.60 -5.94 15.38
C PRO A 193 1.17 -7.08 14.48
N GLU A 194 1.99 -8.16 14.46
CA GLU A 194 1.62 -9.42 13.80
C GLU A 194 0.43 -9.96 14.60
N THR A 195 -0.62 -10.41 13.89
CA THR A 195 -1.84 -10.80 14.57
C THR A 195 -2.54 -11.94 13.93
N TYR A 196 -3.27 -12.69 14.73
CA TYR A 196 -4.21 -13.68 14.23
C TYR A 196 -5.52 -12.89 14.02
N PHE A 197 -6.49 -13.48 13.33
CA PHE A 197 -7.79 -12.86 13.17
C PHE A 197 -8.85 -13.85 13.52
N THR A 198 -9.86 -13.40 14.26
CA THR A 198 -11.03 -14.22 14.52
C THR A 198 -11.80 -14.39 13.19
N GLN A 199 -12.52 -15.51 13.06
CA GLN A 199 -13.22 -15.89 11.84
C GLN A 199 -14.63 -15.33 11.69
N SER A 200 -15.22 -14.80 12.79
CA SER A 200 -16.54 -14.16 12.78
C SER A 200 -17.70 -15.06 12.30
N ARG A 201 -17.63 -16.35 12.61
CA ARG A 201 -18.68 -17.29 12.22
C ARG A 201 -19.83 -17.34 13.23
N ASN A 202 -21.01 -17.85 12.81
CA ASN A 202 -22.19 -18.05 13.66
C ASN A 202 -22.24 -19.51 14.03
N LEU A 203 -22.95 -19.85 15.10
CA LEU A 203 -23.13 -21.24 15.51
C LEU A 203 -24.10 -21.97 14.55
N GLN A 204 -25.18 -21.29 14.15
CA GLN A 204 -26.23 -21.85 13.29
C GLN A 204 -25.76 -22.18 11.89
N GLU A 205 -24.87 -21.33 11.33
CA GLU A 205 -24.37 -21.55 9.98
C GLU A 205 -22.86 -21.69 9.93
N PHE A 206 -22.28 -22.36 10.93
CA PHE A 206 -20.85 -22.57 10.99
C PHE A 206 -20.33 -23.40 9.84
N LYS A 207 -19.28 -22.92 9.17
CA LYS A 207 -18.64 -23.68 8.10
C LYS A 207 -17.15 -23.82 8.36
N PRO A 208 -16.61 -25.04 8.21
CA PRO A 208 -15.16 -25.23 8.37
C PRO A 208 -14.36 -24.53 7.28
N ARG A 209 -13.18 -23.99 7.61
CA ARG A 209 -12.36 -23.26 6.63
C ARG A 209 -10.96 -23.83 6.45
N SER A 210 -10.79 -25.12 6.75
CA SER A 210 -9.54 -25.85 6.61
C SER A 210 -9.81 -27.35 6.68
N GLN A 211 -8.83 -28.18 6.26
CA GLN A 211 -9.01 -29.64 6.34
C GLN A 211 -9.08 -30.08 7.79
N MET A 212 -8.31 -29.43 8.69
CA MET A 212 -8.35 -29.73 10.11
C MET A 212 -9.74 -29.47 10.69
N GLU A 213 -10.38 -28.37 10.28
CA GLU A 213 -11.71 -28.03 10.76
C GLU A 213 -12.78 -28.98 10.23
N ILE A 214 -12.61 -29.48 9.00
CA ILE A 214 -13.51 -30.47 8.41
C ILE A 214 -13.37 -31.79 9.20
N ASP A 215 -12.12 -32.17 9.53
CA ASP A 215 -11.82 -33.37 10.31
C ASP A 215 -12.36 -33.27 11.73
N PHE A 216 -12.31 -32.09 12.35
CA PHE A 216 -12.84 -31.89 13.69
C PHE A 216 -14.34 -32.12 13.71
N LEU A 217 -15.06 -31.62 12.71
CA LEU A 217 -16.51 -31.78 12.65
C LEU A 217 -16.97 -33.18 12.22
N GLU A 218 -16.20 -33.85 11.35
CA GLU A 218 -16.59 -35.18 10.87
C GLU A 218 -16.10 -36.33 11.75
N LEU A 219 -14.86 -36.27 12.19
CA LEU A 219 -14.23 -37.30 13.00
C LEU A 219 -14.70 -37.32 14.45
N ALA A 220 -14.55 -38.47 15.11
CA ALA A 220 -14.87 -38.61 16.54
C ALA A 220 -13.69 -38.02 17.32
N MET A 221 -13.95 -37.55 18.55
CA MET A 221 -12.94 -36.90 19.40
C MET A 221 -11.58 -37.61 19.43
N ASP A 222 -11.56 -38.90 19.77
CA ASP A 222 -10.31 -39.65 19.90
C ASP A 222 -9.53 -39.81 18.61
N GLU A 223 -10.21 -39.99 17.46
CA GLU A 223 -9.48 -40.14 16.20
C GLU A 223 -9.01 -38.80 15.65
N PHE A 224 -9.68 -37.68 15.98
CA PHE A 224 -9.20 -36.37 15.54
C PHE A 224 -7.92 -36.04 16.28
N ILE A 225 -7.95 -36.15 17.61
CA ILE A 225 -6.82 -35.91 18.50
C ILE A 225 -5.63 -36.80 18.10
N GLU A 226 -5.91 -38.04 17.70
CA GLU A 226 -4.89 -38.99 17.25
C GLU A 226 -4.29 -38.53 15.91
N ARG A 227 -5.15 -38.20 14.92
CA ARG A 227 -4.72 -37.75 13.60
C ARG A 227 -3.85 -36.49 13.64
N TYR A 228 -4.20 -35.53 14.53
CA TYR A 228 -3.45 -34.28 14.60
C TYR A 228 -2.41 -34.22 15.72
N LYS A 229 -2.12 -35.37 16.37
CA LYS A 229 -1.12 -35.48 17.42
C LYS A 229 -1.35 -34.47 18.54
N LEU A 230 -2.59 -34.38 19.01
CA LEU A 230 -2.96 -33.43 20.04
C LEU A 230 -3.07 -34.04 21.44
N GLU A 231 -2.48 -35.24 21.65
CA GLU A 231 -2.50 -35.88 22.97
C GLU A 231 -1.70 -35.02 23.96
N GLY A 232 -2.30 -34.75 25.11
CA GLY A 232 -1.66 -33.94 26.12
C GLY A 232 -2.01 -32.46 26.07
N TYR A 233 -2.81 -32.03 25.09
CA TYR A 233 -3.19 -30.62 24.96
C TYR A 233 -4.58 -30.28 25.48
N ALA A 234 -5.22 -31.21 26.20
CA ALA A 234 -6.54 -31.04 26.80
C ALA A 234 -7.63 -30.51 25.85
N PHE A 235 -7.62 -30.94 24.57
CA PHE A 235 -8.68 -30.55 23.64
C PHE A 235 -10.03 -31.12 24.07
N GLU A 236 -10.03 -32.27 24.77
CA GLU A 236 -11.23 -32.91 25.31
C GLU A 236 -11.97 -31.93 26.22
N HIS A 237 -11.23 -31.16 27.03
CA HIS A 237 -11.79 -30.15 27.92
C HIS A 237 -11.96 -28.78 27.19
N ILE A 238 -10.85 -28.20 26.68
CA ILE A 238 -10.83 -26.90 26.03
C ILE A 238 -11.75 -26.76 24.82
N VAL A 239 -11.66 -27.69 23.85
CA VAL A 239 -12.38 -27.54 22.59
C VAL A 239 -13.69 -28.34 22.54
N TYR A 240 -13.66 -29.60 22.91
CA TYR A 240 -14.85 -30.44 22.86
C TYR A 240 -15.85 -30.10 23.96
N GLY A 241 -15.35 -29.79 25.14
CA GLY A 241 -16.18 -29.46 26.28
C GLY A 241 -16.50 -30.67 27.13
N ASP A 242 -16.54 -30.46 28.44
CA ASP A 242 -16.85 -31.51 29.40
C ASP A 242 -18.25 -31.20 29.96
N PHE A 243 -19.22 -32.05 29.65
CA PHE A 243 -20.59 -31.83 30.13
C PHE A 243 -20.98 -32.80 31.22
N SER A 244 -20.01 -33.44 31.91
CA SER A 244 -20.30 -34.45 32.91
C SER A 244 -20.58 -33.91 34.31
N HIS A 245 -20.15 -32.67 34.61
CA HIS A 245 -20.42 -32.08 35.93
C HIS A 245 -21.37 -30.89 35.85
N SER A 246 -21.91 -30.41 37.00
CA SER A 246 -22.81 -29.26 37.01
C SER A 246 -22.17 -28.03 36.37
N GLN A 247 -20.85 -27.85 36.53
CA GLN A 247 -20.17 -26.77 35.85
C GLN A 247 -19.56 -27.32 34.56
N LEU A 248 -20.01 -26.75 33.43
CA LEU A 248 -19.56 -27.08 32.08
C LEU A 248 -18.06 -26.80 31.99
N GLY A 249 -17.30 -27.82 31.61
CA GLY A 249 -15.86 -27.74 31.50
C GLY A 249 -15.39 -27.27 30.14
N GLY A 250 -14.43 -26.37 30.14
CA GLY A 250 -13.84 -25.81 28.92
C GLY A 250 -14.85 -25.21 27.95
N LEU A 251 -14.78 -25.66 26.68
CA LEU A 251 -15.65 -25.23 25.58
C LEU A 251 -15.38 -23.73 25.22
N HIS A 252 -14.16 -23.41 24.80
CA HIS A 252 -13.79 -22.01 24.51
C HIS A 252 -13.58 -21.68 23.05
N LEU A 253 -13.69 -22.66 22.14
CA LEU A 253 -13.52 -22.41 20.71
C LEU A 253 -14.86 -22.54 20.06
N LEU A 254 -15.25 -21.59 19.21
CA LEU A 254 -16.54 -21.65 18.54
C LEU A 254 -16.79 -22.97 17.78
N ILE A 255 -15.74 -23.52 17.13
CA ILE A 255 -15.89 -24.78 16.39
C ILE A 255 -16.39 -25.94 17.30
N GLY A 256 -15.97 -25.97 18.55
CA GLY A 256 -16.42 -26.97 19.51
C GLY A 256 -17.87 -26.80 19.86
N LEU A 257 -18.32 -25.55 20.00
CA LEU A 257 -19.72 -25.25 20.27
C LEU A 257 -20.58 -25.67 19.06
N ALA A 258 -20.06 -25.48 17.83
CA ALA A 258 -20.77 -25.84 16.60
C ALA A 258 -20.90 -27.37 16.47
N LYS A 259 -19.85 -28.10 16.87
CA LYS A 259 -19.90 -29.56 16.82
C LYS A 259 -20.96 -30.08 17.81
N ARG A 260 -21.00 -29.51 19.03
CA ARG A 260 -21.96 -29.87 20.07
C ARG A 260 -23.39 -29.53 19.63
N PHE A 261 -23.56 -28.37 19.00
CA PHE A 261 -24.84 -27.86 18.50
C PHE A 261 -25.50 -28.81 17.49
N LYS A 262 -24.69 -29.55 16.71
CA LYS A 262 -25.18 -30.53 15.75
C LYS A 262 -25.86 -31.67 16.48
N GLU A 263 -25.27 -32.14 17.60
CA GLU A 263 -25.84 -33.21 18.39
C GLU A 263 -27.03 -32.72 19.25
N SER A 264 -26.81 -31.70 20.11
CA SER A 264 -27.86 -31.21 20.98
C SER A 264 -27.78 -29.70 21.17
N PRO A 265 -28.93 -29.05 21.44
CA PRO A 265 -28.92 -27.60 21.59
C PRO A 265 -28.47 -27.11 22.96
N PHE A 266 -28.23 -25.80 23.06
CA PHE A 266 -27.87 -25.17 24.32
C PHE A 266 -28.21 -23.68 24.28
N GLU A 267 -28.39 -23.09 25.46
CA GLU A 267 -28.70 -21.68 25.56
C GLU A 267 -27.39 -20.91 25.75
N LEU A 268 -27.21 -19.79 25.02
CA LEU A 268 -26.04 -18.94 25.15
C LEU A 268 -26.51 -17.55 25.49
N GLU A 269 -26.42 -17.16 26.74
CA GLU A 269 -26.83 -15.82 27.14
C GLU A 269 -25.66 -14.85 26.90
N ASP A 270 -25.82 -13.95 25.93
CA ASP A 270 -24.84 -12.91 25.58
C ASP A 270 -25.13 -11.74 26.52
N PHE A 271 -24.61 -11.79 27.75
CA PHE A 271 -24.95 -10.80 28.76
C PHE A 271 -24.30 -9.41 28.56
N ILE A 272 -23.30 -9.29 27.66
CA ILE A 272 -22.75 -7.97 27.28
C ILE A 272 -22.82 -7.98 25.75
N PRO A 273 -23.99 -7.66 25.18
CA PRO A 273 -24.15 -7.83 23.72
C PRO A 273 -23.51 -6.76 22.84
N MET A 274 -22.30 -7.04 22.46
CA MET A 274 -21.50 -6.19 21.60
C MET A 274 -20.45 -7.08 20.91
N ASP A 275 -20.00 -6.67 19.77
CA ASP A 275 -19.00 -7.36 19.00
C ASP A 275 -17.67 -7.27 19.79
N SER A 276 -17.03 -8.40 20.07
CA SER A 276 -15.71 -8.42 20.67
C SER A 276 -14.94 -9.67 20.26
N THR A 277 -13.59 -9.57 20.21
CA THR A 277 -12.69 -10.67 19.84
C THR A 277 -12.96 -11.92 20.66
N VAL A 278 -13.10 -11.74 21.98
CA VAL A 278 -13.50 -12.81 22.88
C VAL A 278 -14.92 -12.48 23.37
N LYS A 279 -15.84 -13.43 23.29
CA LYS A 279 -17.19 -13.24 23.78
C LYS A 279 -17.41 -14.01 25.08
N ASN A 280 -18.19 -13.48 26.01
CA ASN A 280 -18.51 -14.21 27.26
C ASN A 280 -19.96 -14.62 27.23
N TYR A 281 -20.24 -15.91 27.45
CA TYR A 281 -21.63 -16.37 27.46
C TYR A 281 -21.98 -17.10 28.73
N PHE A 282 -23.22 -17.00 29.15
CA PHE A 282 -23.73 -17.79 30.25
C PHE A 282 -24.36 -18.94 29.50
N ILE A 283 -23.70 -20.09 29.49
CA ILE A 283 -24.17 -21.26 28.74
C ILE A 283 -24.87 -22.32 29.60
N THR A 284 -25.94 -22.94 29.06
CA THR A 284 -26.70 -24.00 29.72
C THR A 284 -26.85 -25.06 28.66
N ASP A 285 -26.27 -26.25 28.87
CA ASP A 285 -26.40 -27.35 27.93
C ASP A 285 -27.77 -28.01 28.13
N ALA A 286 -28.60 -28.08 27.07
CA ALA A 286 -29.94 -28.64 27.21
C ALA A 286 -29.95 -30.13 27.45
N GLN A 287 -29.03 -30.89 26.84
CA GLN A 287 -29.02 -32.34 27.04
C GLN A 287 -28.67 -32.76 28.47
N THR A 288 -27.59 -32.18 29.03
CA THR A 288 -27.11 -32.60 30.33
C THR A 288 -27.49 -31.73 31.51
N GLY A 289 -27.72 -30.44 31.29
CA GLY A 289 -27.96 -29.51 32.39
C GLY A 289 -26.65 -28.94 32.95
N SER A 290 -25.51 -29.26 32.29
CA SER A 290 -24.20 -28.72 32.62
C SER A 290 -24.26 -27.21 32.25
N SER A 291 -23.80 -26.31 33.13
CA SER A 291 -23.87 -24.88 32.83
C SER A 291 -22.62 -24.10 33.30
N LYS A 292 -22.45 -22.86 32.80
CA LYS A 292 -21.33 -22.02 33.21
C LYS A 292 -21.71 -20.56 33.03
N CYS A 293 -21.64 -19.77 34.11
CA CYS A 293 -22.00 -18.36 34.10
C CYS A 293 -21.20 -17.53 33.13
N VAL A 294 -19.89 -17.74 33.09
CA VAL A 294 -18.99 -16.98 32.23
C VAL A 294 -18.13 -17.94 31.42
N CYS A 295 -18.58 -18.29 30.24
CA CYS A 295 -17.83 -19.14 29.33
C CYS A 295 -17.26 -18.28 28.21
N SER A 296 -15.95 -17.97 28.28
CA SER A 296 -15.30 -17.18 27.25
C SER A 296 -15.16 -18.02 25.98
N VAL A 297 -15.56 -17.48 24.85
CA VAL A 297 -15.53 -18.17 23.58
C VAL A 297 -14.84 -17.29 22.56
N ILE A 298 -13.95 -17.89 21.79
CA ILE A 298 -13.27 -17.21 20.72
C ILE A 298 -13.44 -18.05 19.44
N ASP A 299 -13.64 -17.38 18.31
CA ASP A 299 -13.74 -18.08 17.04
C ASP A 299 -12.42 -17.91 16.27
N LEU A 300 -11.47 -18.78 16.55
CA LEU A 300 -10.21 -18.82 15.82
C LEU A 300 -10.32 -20.00 14.88
N LEU A 301 -9.59 -19.96 13.76
CA LEU A 301 -9.46 -21.11 12.86
C LEU A 301 -8.76 -22.20 13.68
N LEU A 302 -9.29 -23.42 13.73
CA LEU A 302 -8.74 -24.48 14.57
C LEU A 302 -7.23 -24.67 14.42
N ASP A 303 -6.70 -24.45 13.20
CA ASP A 303 -5.28 -24.54 12.92
C ASP A 303 -4.50 -23.47 13.67
N ASP A 304 -5.06 -22.25 13.74
CA ASP A 304 -4.45 -21.14 14.44
C ASP A 304 -4.43 -21.42 15.94
N PHE A 305 -5.53 -21.99 16.49
CA PHE A 305 -5.59 -22.33 17.90
C PHE A 305 -4.60 -23.44 18.24
N VAL A 306 -4.45 -24.44 17.35
CA VAL A 306 -3.50 -25.54 17.51
C VAL A 306 -2.06 -24.99 17.49
N GLU A 307 -1.76 -24.06 16.57
CA GLU A 307 -0.46 -23.41 16.52
C GLU A 307 -0.19 -22.65 17.81
N ILE A 308 -1.16 -21.88 18.32
CA ILE A 308 -0.99 -21.15 19.57
C ILE A 308 -0.67 -22.09 20.75
N ILE A 309 -1.52 -23.13 20.97
CA ILE A 309 -1.34 -24.03 22.10
C ILE A 309 -0.05 -24.87 21.97
N LYS A 310 0.30 -25.32 20.77
CA LYS A 310 1.53 -26.07 20.56
C LYS A 310 2.80 -25.22 20.65
N SER A 311 2.68 -23.90 20.70
CA SER A 311 3.82 -23.01 20.80
C SER A 311 4.08 -22.54 22.24
N GLN A 312 3.49 -23.21 23.25
CA GLN A 312 3.67 -22.81 24.64
C GLN A 312 4.53 -23.75 25.43
N ASP A 313 5.23 -23.21 26.43
CA ASP A 313 6.03 -24.02 27.33
C ASP A 313 5.02 -24.62 28.32
N LEU A 314 5.06 -25.94 28.51
CA LEU A 314 4.11 -26.62 29.38
C LEU A 314 4.68 -27.04 30.73
N SER A 315 5.80 -26.45 31.16
CA SER A 315 6.45 -26.85 32.41
C SER A 315 6.07 -26.05 33.67
N VAL A 316 5.07 -25.15 33.59
CA VAL A 316 4.65 -24.34 34.74
C VAL A 316 3.19 -24.60 35.11
N VAL A 317 2.84 -24.59 36.41
CA VAL A 317 1.47 -24.81 36.87
C VAL A 317 0.47 -23.81 36.26
N SER A 318 0.74 -22.49 36.37
CA SER A 318 -0.16 -21.49 35.81
C SER A 318 0.58 -20.26 35.35
N LYS A 319 0.23 -19.78 34.15
CA LYS A 319 0.82 -18.57 33.60
C LYS A 319 -0.08 -17.89 32.56
N VAL A 320 0.14 -16.60 32.36
CA VAL A 320 -0.61 -15.85 31.38
C VAL A 320 0.13 -15.97 30.05
N VAL A 321 -0.60 -16.35 29.00
CA VAL A 321 -0.09 -16.46 27.64
C VAL A 321 -0.78 -15.34 26.87
N LYS A 322 0.00 -14.40 26.34
CA LYS A 322 -0.56 -13.29 25.58
C LYS A 322 -0.46 -13.53 24.08
N VAL A 323 -1.61 -13.45 23.37
CA VAL A 323 -1.65 -13.70 21.92
C VAL A 323 -2.32 -12.52 21.25
N THR A 324 -1.68 -11.91 20.23
CA THR A 324 -2.30 -10.81 19.50
C THR A 324 -3.36 -11.38 18.56
N ILE A 325 -4.62 -11.02 18.76
CA ILE A 325 -5.75 -11.47 17.94
C ILE A 325 -6.58 -10.24 17.64
N ASP A 326 -6.84 -9.98 16.35
CA ASP A 326 -7.60 -8.81 15.90
C ASP A 326 -6.92 -7.51 16.33
N TYR A 327 -5.56 -7.52 16.36
CA TYR A 327 -4.76 -6.36 16.75
C TYR A 327 -4.73 -6.09 18.26
N THR A 328 -5.50 -6.83 19.06
CA THR A 328 -5.50 -6.62 20.50
C THR A 328 -4.73 -7.77 21.19
N GLU A 329 -4.14 -7.52 22.37
CA GLU A 329 -3.46 -8.58 23.10
C GLU A 329 -4.46 -9.36 23.96
N ILE A 330 -4.74 -10.61 23.60
CA ILE A 330 -5.66 -11.44 24.36
C ILE A 330 -4.88 -12.26 25.36
N SER A 331 -5.22 -12.12 26.63
CA SER A 331 -4.57 -12.89 27.69
C SER A 331 -5.31 -14.21 27.85
N PHE A 332 -4.57 -15.31 27.87
CA PHE A 332 -5.11 -16.65 28.07
C PHE A 332 -4.46 -17.19 29.33
N MET A 333 -5.20 -18.00 30.06
CA MET A 333 -4.68 -18.63 31.26
C MET A 333 -4.27 -20.06 30.90
N LEU A 334 -2.99 -20.39 31.05
CA LEU A 334 -2.51 -21.72 30.71
C LEU A 334 -2.19 -22.50 31.98
N TRP A 335 -2.93 -23.58 32.21
CA TRP A 335 -2.73 -24.44 33.38
C TRP A 335 -2.16 -25.76 32.95
N CYS A 336 -0.99 -26.12 33.48
CA CYS A 336 -0.33 -27.37 33.13
C CYS A 336 -0.05 -28.23 34.36
N LYS A 337 0.21 -29.52 34.13
CA LYS A 337 0.57 -30.50 35.15
C LYS A 337 1.36 -31.60 34.46
N ASP A 338 2.56 -31.93 34.98
CA ASP A 338 3.42 -32.99 34.45
C ASP A 338 3.68 -32.91 32.94
N GLY A 339 3.91 -31.70 32.44
CA GLY A 339 4.20 -31.49 31.03
C GLY A 339 3.01 -31.60 30.08
N HIS A 340 1.80 -31.59 30.63
CA HIS A 340 0.59 -31.64 29.81
C HIS A 340 -0.35 -30.51 30.18
N VAL A 341 -1.13 -30.04 29.21
CA VAL A 341 -2.12 -29.00 29.43
C VAL A 341 -3.28 -29.57 30.26
N GLU A 342 -3.78 -28.81 31.23
CA GLU A 342 -4.97 -29.13 32.00
C GLU A 342 -6.10 -28.27 31.39
N THR A 343 -5.86 -26.95 31.26
CA THR A 343 -6.78 -26.01 30.62
C THR A 343 -6.04 -24.82 30.01
N PHE A 344 -6.66 -24.16 29.04
CA PHE A 344 -6.13 -23.00 28.32
C PHE A 344 -7.36 -22.26 27.86
N TYR A 345 -7.57 -21.04 28.37
CA TYR A 345 -8.78 -20.30 28.05
C TYR A 345 -8.55 -18.81 28.00
N PRO A 346 -9.30 -18.06 27.16
CA PRO A 346 -9.17 -16.60 27.17
C PRO A 346 -9.57 -16.07 28.55
N LYS A 347 -8.53 -15.68 29.35
CA LYS A 347 -8.53 -15.21 30.74
C LYS A 347 -9.60 -14.20 31.08
N LEU A 348 -10.47 -14.57 32.03
CA LEU A 348 -11.61 -13.78 32.51
C LEU A 348 -11.16 -12.59 33.39
N GLN A 349 -11.83 -11.44 33.20
CA GLN A 349 -11.52 -10.22 33.97
C GLN A 349 -12.74 -9.81 34.85
N ALA B 2 15.04 -0.04 -47.80
CA ALA B 2 16.35 -0.31 -48.40
C ALA B 2 17.44 0.24 -47.49
N MET B 3 17.52 -0.32 -46.31
CA MET B 3 18.48 0.07 -45.29
C MET B 3 19.90 -0.35 -45.66
N SER B 4 20.87 0.50 -45.29
CA SER B 4 22.29 0.28 -45.53
C SER B 4 23.13 1.18 -44.66
N LEU B 5 24.35 0.77 -44.40
CA LEU B 5 25.32 1.51 -43.61
C LEU B 5 25.56 2.90 -44.23
N GLU B 6 25.78 2.94 -45.55
CA GLU B 6 26.02 4.16 -46.32
C GLU B 6 24.81 5.10 -46.30
N ASN B 7 23.61 4.55 -46.26
CA ASN B 7 22.39 5.34 -46.18
C ASN B 7 22.20 5.90 -44.75
N VAL B 8 22.49 5.10 -43.71
CA VAL B 8 22.42 5.58 -42.32
C VAL B 8 23.43 6.73 -42.16
N ALA B 9 24.65 6.55 -42.66
CA ALA B 9 25.70 7.56 -42.62
C ALA B 9 25.30 8.83 -43.38
N PHE B 10 24.65 8.70 -44.55
CA PHE B 10 24.13 9.84 -45.30
C PHE B 10 23.14 10.64 -44.43
N ASN B 11 22.24 9.93 -43.77
CA ASN B 11 21.25 10.54 -42.90
C ASN B 11 21.93 11.26 -41.74
N VAL B 12 22.87 10.62 -41.05
CA VAL B 12 23.59 11.24 -39.93
C VAL B 12 24.29 12.54 -40.39
N VAL B 13 25.07 12.47 -41.49
CA VAL B 13 25.78 13.62 -42.03
C VAL B 13 24.86 14.76 -42.44
N ASN B 14 23.75 14.47 -43.10
CA ASN B 14 22.87 15.52 -43.63
C ASN B 14 21.72 15.94 -42.75
N LYS B 15 21.20 15.04 -41.92
CA LYS B 15 20.02 15.28 -41.10
C LYS B 15 20.25 15.26 -39.60
N GLY B 16 21.48 14.98 -39.16
CA GLY B 16 21.83 14.93 -37.74
C GLY B 16 21.46 13.64 -37.03
N HIS B 17 20.74 12.76 -37.74
CA HIS B 17 20.22 11.48 -37.25
C HIS B 17 19.52 10.78 -38.44
N PHE B 18 19.03 9.53 -38.24
CA PHE B 18 18.30 8.85 -39.30
C PHE B 18 16.95 9.52 -39.51
N ASP B 19 16.68 9.98 -40.74
CA ASP B 19 15.49 10.71 -41.09
C ASP B 19 14.77 10.14 -42.35
N GLY B 20 15.03 8.87 -42.68
CA GLY B 20 14.42 8.19 -43.81
C GLY B 20 14.75 8.75 -45.19
N GLN B 21 15.82 9.55 -45.27
CA GLN B 21 16.21 10.17 -46.53
C GLN B 21 16.99 9.21 -47.41
N GLN B 22 16.86 9.37 -48.71
CA GLN B 22 17.61 8.55 -49.66
C GLN B 22 18.97 9.18 -49.86
N GLY B 23 19.96 8.36 -50.09
CA GLY B 23 21.31 8.85 -50.31
C GLY B 23 22.35 7.95 -49.67
N GLU B 24 23.60 8.10 -50.10
CA GLU B 24 24.69 7.29 -49.57
C GLU B 24 25.94 8.13 -49.45
N VAL B 25 26.71 7.92 -48.36
CA VAL B 25 28.03 8.53 -48.21
C VAL B 25 29.04 7.41 -48.03
N PRO B 26 30.27 7.60 -48.53
CA PRO B 26 31.28 6.55 -48.34
C PRO B 26 31.66 6.46 -46.87
N VAL B 27 31.78 5.26 -46.38
CA VAL B 27 32.10 5.02 -44.99
C VAL B 27 33.27 4.07 -44.84
N SER B 28 34.02 4.22 -43.76
CA SER B 28 35.02 3.25 -43.39
C SER B 28 34.84 2.86 -41.92
N ILE B 29 34.95 1.59 -41.65
CA ILE B 29 34.84 1.06 -40.30
C ILE B 29 36.20 0.60 -39.84
N ILE B 30 36.66 1.16 -38.73
CA ILE B 30 37.97 0.80 -38.15
C ILE B 30 37.83 0.83 -36.67
N ASN B 31 38.48 -0.04 -35.85
N ASN B 31 37.87 -0.46 -36.28
CA ASN B 31 38.48 0.07 -34.34
CA ASN B 31 37.73 -1.18 -35.04
C ASN B 31 37.16 0.61 -33.62
C ASN B 31 36.29 -1.01 -34.65
N ASN B 32 36.03 -0.09 -33.76
CA ASN B 32 34.71 0.20 -33.26
C ASN B 32 34.22 1.60 -33.61
N THR B 33 34.78 2.20 -34.66
CA THR B 33 34.45 3.55 -35.08
C THR B 33 34.03 3.60 -36.54
N VAL B 34 33.02 4.42 -36.82
CA VAL B 34 32.50 4.67 -38.14
C VAL B 34 33.05 6.02 -38.60
N TYR B 35 33.69 6.06 -39.77
CA TYR B 35 34.20 7.30 -40.35
C TYR B 35 33.55 7.57 -41.69
N THR B 36 33.57 8.83 -42.12
CA THR B 36 33.16 9.21 -43.46
C THR B 36 34.18 10.18 -44.05
N LYS B 37 34.34 10.16 -45.37
CA LYS B 37 35.28 11.02 -46.04
C LYS B 37 34.70 12.43 -46.23
N VAL B 38 35.41 13.46 -45.76
CA VAL B 38 35.06 14.86 -45.96
C VAL B 38 36.34 15.61 -46.32
N ASP B 39 36.37 16.29 -47.49
CA ASP B 39 37.56 17.03 -47.96
C ASP B 39 38.80 16.14 -48.10
N GLY B 40 38.56 14.89 -48.49
CA GLY B 40 39.60 13.89 -48.67
C GLY B 40 40.08 13.19 -47.41
N VAL B 41 39.60 13.61 -46.22
CA VAL B 41 40.06 13.00 -44.97
C VAL B 41 38.92 12.37 -44.17
N ASP B 42 39.26 11.41 -43.30
CA ASP B 42 38.28 10.68 -42.50
C ASP B 42 37.80 11.48 -41.31
N VAL B 43 36.50 11.58 -41.17
CA VAL B 43 35.85 12.27 -40.07
C VAL B 43 35.03 11.26 -39.29
N GLU B 44 35.21 11.21 -37.98
CA GLU B 44 34.50 10.29 -37.13
C GLU B 44 32.98 10.61 -37.01
N LEU B 45 32.11 9.65 -37.30
CA LEU B 45 30.66 9.84 -37.12
C LEU B 45 30.17 9.20 -35.85
N PHE B 46 30.79 8.08 -35.47
CA PHE B 46 30.31 7.33 -34.33
C PHE B 46 31.36 6.40 -33.78
N GLU B 47 31.49 6.37 -32.46
CA GLU B 47 32.35 5.40 -31.80
C GLU B 47 31.41 4.52 -30.97
N ASN B 48 31.46 3.22 -31.20
CA ASN B 48 30.70 2.21 -30.50
C ASN B 48 31.17 1.97 -29.07
N LYS B 49 30.29 2.25 -28.11
CA LYS B 49 30.49 1.97 -26.69
C LYS B 49 29.60 0.80 -26.22
N THR B 50 28.91 0.12 -27.13
CA THR B 50 27.97 -0.96 -26.85
C THR B 50 28.65 -2.33 -27.00
N THR B 51 27.93 -3.38 -26.62
CA THR B 51 28.41 -4.73 -26.85
C THR B 51 27.89 -5.29 -28.21
N LEU B 52 27.19 -4.47 -29.03
CA LEU B 52 26.68 -4.89 -30.32
C LEU B 52 27.79 -4.69 -31.36
N PRO B 53 27.66 -5.31 -32.55
CA PRO B 53 28.60 -5.00 -33.65
C PRO B 53 28.47 -3.51 -34.02
N VAL B 54 29.61 -2.85 -34.28
CA VAL B 54 29.73 -1.42 -34.60
C VAL B 54 28.75 -0.92 -35.61
N ASN B 55 28.56 -1.60 -36.77
CA ASN B 55 27.62 -1.08 -37.78
C ASN B 55 26.16 -1.11 -37.26
N VAL B 56 25.82 -2.16 -36.49
CA VAL B 56 24.50 -2.35 -35.88
C VAL B 56 24.24 -1.25 -34.83
N ALA B 57 25.21 -0.98 -33.93
CA ALA B 57 25.05 0.05 -32.91
C ALA B 57 24.90 1.42 -33.52
N PHE B 58 25.65 1.70 -34.61
CA PHE B 58 25.59 2.95 -35.34
C PHE B 58 24.18 3.17 -35.88
N GLU B 59 23.57 2.13 -36.46
CA GLU B 59 22.22 2.21 -36.97
C GLU B 59 21.18 2.47 -35.87
N LEU B 60 21.26 1.77 -34.72
CA LEU B 60 20.32 1.98 -33.62
C LEU B 60 20.47 3.35 -33.01
N TRP B 61 21.71 3.83 -32.88
CA TRP B 61 21.98 5.19 -32.41
C TRP B 61 21.43 6.23 -33.40
N ALA B 62 21.67 6.07 -34.72
CA ALA B 62 21.12 7.00 -35.71
C ALA B 62 19.56 7.00 -35.63
N LYS B 63 18.96 5.82 -35.31
CA LYS B 63 17.52 5.69 -35.21
C LYS B 63 16.95 5.93 -33.83
N ARG B 64 17.73 6.55 -32.91
CA ARG B 64 17.21 6.83 -31.57
C ARG B 64 16.02 7.78 -31.62
N ASN B 65 15.15 7.69 -30.61
CA ASN B 65 14.00 8.55 -30.45
C ASN B 65 14.48 9.95 -30.09
N ILE B 66 14.05 10.95 -30.84
CA ILE B 66 14.43 12.33 -30.61
C ILE B 66 13.31 13.20 -30.04
N LYS B 67 12.26 12.57 -29.51
CA LYS B 67 11.21 13.29 -28.83
C LYS B 67 11.50 13.10 -27.36
N PRO B 68 10.92 13.92 -26.46
CA PRO B 68 11.06 13.63 -25.02
C PRO B 68 10.49 12.24 -24.72
N VAL B 69 11.29 11.36 -24.10
CA VAL B 69 10.86 10.02 -23.78
C VAL B 69 11.03 9.76 -22.30
N PRO B 70 10.32 8.75 -21.74
CA PRO B 70 10.53 8.42 -20.32
C PRO B 70 11.99 8.10 -20.07
N GLU B 71 12.52 8.53 -18.91
CA GLU B 71 13.91 8.17 -18.54
C GLU B 71 13.98 6.67 -18.42
N VAL B 72 15.10 6.05 -18.85
CA VAL B 72 15.31 4.61 -18.81
C VAL B 72 14.97 3.99 -17.45
N LYS B 73 15.35 4.64 -16.32
CA LYS B 73 15.03 4.12 -14.99
C LYS B 73 13.50 3.88 -14.82
N ILE B 74 12.64 4.74 -15.40
CA ILE B 74 11.18 4.58 -15.37
C ILE B 74 10.73 3.37 -16.17
N LEU B 75 11.25 3.24 -17.41
CA LEU B 75 10.95 2.11 -18.30
C LEU B 75 11.39 0.80 -17.64
N ASN B 76 12.62 0.74 -17.10
CA ASN B 76 13.15 -0.43 -16.41
C ASN B 76 12.25 -0.80 -15.21
N ASN B 77 11.84 0.19 -14.41
CA ASN B 77 11.02 -0.03 -13.23
C ASN B 77 9.62 -0.55 -13.59
N LEU B 78 9.10 -0.16 -14.76
CA LEU B 78 7.84 -0.63 -15.29
C LEU B 78 7.94 -1.96 -16.04
N GLY B 79 9.13 -2.55 -16.10
CA GLY B 79 9.37 -3.82 -16.76
C GLY B 79 9.33 -3.78 -18.26
N VAL B 80 9.62 -2.62 -18.89
CA VAL B 80 9.63 -2.53 -20.36
C VAL B 80 10.79 -3.38 -20.90
N ASP B 81 10.52 -4.25 -21.87
CA ASP B 81 11.50 -5.13 -22.50
C ASP B 81 11.99 -4.61 -23.84
N ILE B 82 11.09 -3.94 -24.59
CA ILE B 82 11.34 -3.53 -25.97
C ILE B 82 10.40 -2.37 -26.30
N ALA B 83 10.76 -1.55 -27.29
CA ALA B 83 9.92 -0.45 -27.70
C ALA B 83 9.30 -0.72 -29.07
N ALA B 84 8.08 -0.20 -29.28
CA ALA B 84 7.41 -0.39 -30.56
C ALA B 84 7.91 0.64 -31.58
N ASN B 85 8.67 0.18 -32.57
CA ASN B 85 9.10 0.94 -33.74
C ASN B 85 9.90 2.20 -33.45
N THR B 86 10.76 2.12 -32.47
CA THR B 86 11.66 3.18 -32.06
C THR B 86 12.83 2.59 -31.29
N VAL B 87 13.87 3.40 -31.06
CA VAL B 87 14.97 2.97 -30.21
C VAL B 87 15.02 3.94 -29.05
N ILE B 88 14.94 3.44 -27.82
CA ILE B 88 15.13 4.31 -26.66
C ILE B 88 16.64 4.22 -26.43
N TRP B 89 17.38 5.30 -26.69
CA TRP B 89 18.83 5.32 -26.51
C TRP B 89 19.08 5.69 -25.07
N ASP B 90 19.96 4.93 -24.44
CA ASP B 90 20.33 5.12 -23.05
C ASP B 90 21.65 5.91 -23.06
N TYR B 91 21.53 7.22 -22.84
CA TYR B 91 22.63 8.16 -22.84
C TYR B 91 23.57 7.98 -21.67
N LYS B 92 23.17 7.25 -20.62
CA LYS B 92 24.07 6.99 -19.52
C LYS B 92 24.94 5.79 -19.82
N ARG B 93 24.42 4.77 -20.52
CA ARG B 93 25.23 3.63 -20.92
C ARG B 93 25.85 3.80 -22.32
N ASP B 94 25.49 4.86 -23.07
CA ASP B 94 25.88 5.10 -24.47
C ASP B 94 25.53 3.87 -25.31
N ALA B 95 24.32 3.37 -25.12
CA ALA B 95 23.86 2.13 -25.71
C ALA B 95 22.34 2.10 -25.80
N PRO B 96 21.78 1.21 -26.64
CA PRO B 96 20.31 1.07 -26.65
C PRO B 96 19.78 0.59 -25.31
N ALA B 97 18.68 1.17 -24.83
CA ALA B 97 18.07 0.74 -23.57
C ALA B 97 17.57 -0.70 -23.63
N HIS B 98 17.27 -1.21 -24.84
CA HIS B 98 16.72 -2.57 -24.96
C HIS B 98 17.54 -3.44 -25.89
N ILE B 99 17.60 -4.75 -25.64
CA ILE B 99 18.41 -5.67 -26.46
C ILE B 99 17.93 -5.79 -27.89
N SER B 100 16.61 -5.87 -28.09
CA SER B 100 16.01 -6.09 -29.39
C SER B 100 15.17 -4.91 -29.85
N THR B 101 14.76 -4.97 -31.11
CA THR B 101 13.92 -3.92 -31.68
C THR B 101 12.70 -4.51 -32.41
N ILE B 102 11.76 -3.64 -32.78
CA ILE B 102 10.58 -3.98 -33.56
C ILE B 102 10.48 -2.93 -34.63
N GLY B 103 10.57 -3.33 -35.89
CA GLY B 103 10.48 -2.44 -37.05
C GLY B 103 11.54 -1.35 -37.12
N VAL B 104 12.73 -1.60 -36.58
CA VAL B 104 13.81 -0.61 -36.58
C VAL B 104 15.02 -0.98 -37.46
N CYS B 105 15.62 -2.14 -37.22
CA CYS B 105 16.87 -2.53 -37.85
C CYS B 105 16.85 -4.03 -38.09
N SER B 106 17.25 -4.48 -39.29
CA SER B 106 17.18 -5.89 -39.64
C SER B 106 18.00 -6.82 -38.74
N MET B 107 19.12 -6.35 -38.20
CA MET B 107 19.98 -7.16 -37.35
C MET B 107 19.42 -7.36 -35.95
N THR B 108 18.63 -6.40 -35.43
CA THR B 108 18.14 -6.50 -34.05
C THR B 108 16.64 -6.78 -33.93
N ASP B 109 15.89 -6.60 -35.03
CA ASP B 109 14.45 -6.83 -35.04
C ASP B 109 14.08 -8.24 -34.70
N ILE B 110 13.17 -8.38 -33.76
CA ILE B 110 12.55 -9.67 -33.49
C ILE B 110 11.21 -9.76 -34.27
N ALA B 111 10.69 -8.62 -34.76
CA ALA B 111 9.43 -8.45 -35.46
C ALA B 111 9.47 -7.09 -36.19
N LYS B 112 8.56 -6.89 -37.13
CA LYS B 112 8.38 -5.61 -37.82
C LYS B 112 7.24 -4.82 -37.13
N LYS B 113 6.24 -5.53 -36.56
CA LYS B 113 5.13 -4.91 -35.86
C LYS B 113 4.93 -5.54 -34.49
N PRO B 114 4.53 -4.75 -33.49
CA PRO B 114 4.33 -5.33 -32.15
C PRO B 114 3.16 -6.31 -32.05
N THR B 115 2.37 -6.48 -33.12
CA THR B 115 1.26 -7.45 -33.15
C THR B 115 1.73 -8.88 -33.42
N GLU B 116 3.01 -9.07 -33.81
CA GLU B 116 3.57 -10.39 -34.07
C GLU B 116 3.65 -11.19 -32.78
N THR B 117 3.38 -12.50 -32.84
CA THR B 117 3.29 -13.35 -31.64
C THR B 117 4.53 -13.31 -30.75
N ILE B 118 5.75 -13.08 -31.32
CA ILE B 118 6.97 -12.99 -30.49
C ILE B 118 6.87 -11.85 -29.47
N CYS B 119 6.10 -10.80 -29.76
CA CYS B 119 5.97 -9.64 -28.89
C CYS B 119 4.95 -9.80 -27.77
N ALA B 120 3.96 -10.70 -27.93
CA ALA B 120 2.92 -10.84 -26.93
C ALA B 120 3.45 -11.07 -25.50
N PRO B 121 4.46 -11.96 -25.23
CA PRO B 121 4.93 -12.10 -23.85
C PRO B 121 5.77 -10.92 -23.33
N LEU B 122 6.33 -10.10 -24.25
CA LEU B 122 7.19 -9.00 -23.85
C LEU B 122 6.41 -7.76 -23.50
N THR B 123 6.90 -6.95 -22.54
CA THR B 123 6.24 -5.69 -22.22
C THR B 123 6.75 -4.64 -23.23
N VAL B 124 5.93 -4.36 -24.25
CA VAL B 124 6.25 -3.46 -25.33
C VAL B 124 5.93 -2.02 -24.92
N PHE B 125 6.88 -1.09 -25.15
CA PHE B 125 6.64 0.31 -24.85
C PHE B 125 5.88 0.91 -26.03
N PHE B 126 4.76 1.59 -25.76
CA PHE B 126 3.93 2.25 -26.76
C PHE B 126 3.86 3.74 -26.47
N ASP B 127 3.86 4.54 -27.53
CA ASP B 127 3.85 5.99 -27.45
C ASP B 127 2.60 6.54 -28.12
N GLY B 128 1.69 7.04 -27.30
CA GLY B 128 0.43 7.63 -27.74
C GLY B 128 0.59 8.80 -28.67
N ARG B 129 1.80 9.40 -28.72
CA ARG B 129 2.06 10.48 -29.66
C ARG B 129 2.27 9.98 -31.10
N VAL B 130 2.45 8.66 -31.30
CA VAL B 130 2.60 8.08 -32.62
C VAL B 130 1.23 7.52 -33.00
N ASP B 131 0.74 7.85 -34.19
CA ASP B 131 -0.56 7.38 -34.65
C ASP B 131 -0.68 5.85 -34.59
N GLY B 132 -1.80 5.38 -34.04
CA GLY B 132 -2.10 3.97 -33.90
C GLY B 132 -1.49 3.22 -32.72
N GLN B 133 -0.58 3.85 -31.95
CA GLN B 133 0.08 3.14 -30.86
C GLN B 133 -0.80 2.95 -29.64
N VAL B 134 -1.74 3.89 -29.35
CA VAL B 134 -2.72 3.70 -28.24
C VAL B 134 -3.57 2.45 -28.55
N ASP B 135 -4.02 2.33 -29.81
CA ASP B 135 -4.80 1.17 -30.28
C ASP B 135 -3.98 -0.11 -30.21
N LEU B 136 -2.70 -0.07 -30.59
CA LEU B 136 -1.82 -1.24 -30.50
C LEU B 136 -1.66 -1.70 -29.05
N PHE B 137 -1.55 -0.76 -28.10
CA PHE B 137 -1.47 -1.06 -26.69
C PHE B 137 -2.79 -1.73 -26.23
N ARG B 138 -3.95 -1.19 -26.68
CA ARG B 138 -5.28 -1.74 -26.34
C ARG B 138 -5.38 -3.20 -26.77
N ASN B 139 -4.75 -3.56 -27.89
CA ASN B 139 -4.77 -4.93 -28.39
C ASN B 139 -3.59 -5.81 -27.92
N ALA B 140 -2.57 -5.20 -27.28
CA ALA B 140 -1.39 -5.92 -26.80
C ALA B 140 -1.59 -6.64 -25.48
N ARG B 141 -1.03 -7.84 -25.38
CA ARG B 141 -1.11 -8.64 -24.17
C ARG B 141 -0.30 -7.97 -23.05
N ASN B 142 0.92 -7.50 -23.34
CA ASN B 142 1.80 -6.87 -22.37
C ASN B 142 2.39 -5.59 -22.92
N GLY B 143 2.30 -4.53 -22.14
CA GLY B 143 2.80 -3.25 -22.60
C GLY B 143 2.71 -2.13 -21.61
N VAL B 144 3.39 -1.05 -21.94
CA VAL B 144 3.42 0.17 -21.18
C VAL B 144 3.14 1.25 -22.19
N LEU B 145 2.20 2.11 -21.89
CA LEU B 145 1.80 3.17 -22.79
C LEU B 145 1.99 4.52 -22.14
N ILE B 146 2.50 5.48 -22.91
CA ILE B 146 2.55 6.86 -22.47
C ILE B 146 1.68 7.69 -23.40
N THR B 147 0.97 8.67 -22.84
CA THR B 147 0.16 9.57 -23.65
C THR B 147 0.30 10.99 -23.08
N GLU B 148 -0.06 12.00 -23.86
CA GLU B 148 -0.10 13.37 -23.42
C GLU B 148 -1.48 13.75 -22.81
N GLY B 149 -2.53 13.01 -23.17
CA GLY B 149 -3.87 13.25 -22.66
C GLY B 149 -4.65 11.99 -22.31
N SER B 150 -5.98 12.10 -22.21
CA SER B 150 -6.82 10.96 -21.86
C SER B 150 -6.95 9.88 -22.93
N VAL B 151 -7.10 8.65 -22.50
CA VAL B 151 -7.41 7.51 -23.34
C VAL B 151 -8.79 7.07 -22.83
N LYS B 152 -9.80 7.01 -23.70
CA LYS B 152 -11.14 6.62 -23.30
C LYS B 152 -11.21 5.32 -22.53
N GLY B 153 -11.76 5.38 -21.33
CA GLY B 153 -11.93 4.21 -20.47
C GLY B 153 -10.73 3.83 -19.63
N LEU B 154 -9.50 4.23 -20.03
CA LEU B 154 -8.31 3.89 -19.27
C LEU B 154 -7.98 4.90 -18.18
N GLN B 155 -7.93 4.44 -16.93
CA GLN B 155 -7.57 5.30 -15.82
C GLN B 155 -6.06 5.55 -15.85
N PRO B 156 -5.63 6.82 -15.85
CA PRO B 156 -4.20 7.11 -15.98
C PRO B 156 -3.42 7.19 -14.68
N SER B 157 -2.11 7.14 -14.82
CA SER B 157 -1.17 7.32 -13.74
C SER B 157 -0.34 8.52 -14.18
N VAL B 158 -0.34 9.62 -13.41
CA VAL B 158 0.43 10.79 -13.77
C VAL B 158 1.90 10.49 -13.52
N GLY B 159 2.71 10.48 -14.57
CA GLY B 159 4.13 10.18 -14.46
C GLY B 159 4.93 11.35 -13.93
N PRO B 160 6.26 11.24 -13.98
CA PRO B 160 7.08 12.36 -13.54
C PRO B 160 6.94 13.60 -14.44
N LYS B 161 7.24 14.77 -13.87
CA LYS B 161 7.20 16.03 -14.64
C LYS B 161 8.23 16.02 -15.77
N GLN B 162 9.40 15.38 -15.53
CA GLN B 162 10.51 15.35 -16.44
C GLN B 162 10.55 14.14 -17.36
N ALA B 163 11.20 14.35 -18.50
CA ALA B 163 11.47 13.36 -19.51
C ALA B 163 12.88 13.63 -20.08
N SER B 164 13.44 12.66 -20.80
CA SER B 164 14.74 12.78 -21.41
C SER B 164 14.56 13.17 -22.90
N LEU B 165 15.14 14.29 -23.31
CA LEU B 165 15.10 14.72 -24.71
C LEU B 165 16.55 14.73 -25.21
N ASN B 166 16.92 13.76 -26.04
CA ASN B 166 18.29 13.64 -26.56
C ASN B 166 19.32 13.58 -25.46
N GLY B 167 18.99 12.88 -24.38
CA GLY B 167 19.86 12.70 -23.23
C GLY B 167 19.87 13.85 -22.26
N VAL B 168 19.02 14.85 -22.46
CA VAL B 168 18.89 15.96 -21.53
C VAL B 168 17.58 15.75 -20.75
N THR B 169 17.68 15.55 -19.44
CA THR B 169 16.51 15.38 -18.62
C THR B 169 16.00 16.77 -18.32
N LEU B 170 14.73 17.01 -18.62
CA LEU B 170 14.15 18.34 -18.44
C LEU B 170 12.66 18.28 -18.21
N ILE B 171 12.11 19.35 -17.63
CA ILE B 171 10.70 19.60 -17.46
C ILE B 171 10.39 20.54 -18.62
N GLY B 172 9.70 20.00 -19.61
CA GLY B 172 9.40 20.68 -20.85
C GLY B 172 8.59 21.95 -20.74
N GLU B 173 8.99 22.97 -21.47
CA GLU B 173 8.26 24.23 -21.56
C GLU B 173 7.76 24.38 -22.99
N ALA B 174 8.60 24.11 -23.98
CA ALA B 174 8.21 24.17 -25.39
C ALA B 174 7.61 22.84 -25.90
N VAL B 175 7.86 21.73 -25.16
CA VAL B 175 7.40 20.36 -25.42
C VAL B 175 6.78 19.79 -24.15
N LYS B 176 5.92 18.77 -24.27
CA LYS B 176 5.34 18.14 -23.10
C LYS B 176 6.24 17.00 -22.65
N THR B 177 6.58 16.97 -21.36
CA THR B 177 7.42 15.91 -20.80
C THR B 177 6.66 15.06 -19.75
N GLN B 178 5.52 15.55 -19.22
CA GLN B 178 4.73 14.80 -18.24
C GLN B 178 3.72 13.92 -18.94
N PHE B 179 3.91 12.60 -18.85
CA PHE B 179 3.03 11.67 -19.53
C PHE B 179 2.07 10.98 -18.59
N ASN B 180 0.96 10.49 -19.15
CA ASN B 180 0.06 9.61 -18.48
C ASN B 180 0.68 8.24 -18.76
N TYR B 181 0.71 7.38 -17.76
CA TYR B 181 1.24 6.05 -17.90
C TYR B 181 0.14 5.03 -17.74
N TYR B 182 0.22 3.97 -18.53
CA TYR B 182 -0.70 2.86 -18.52
C TYR B 182 0.10 1.59 -18.69
N LYS B 183 -0.39 0.50 -18.12
CA LYS B 183 0.33 -0.76 -18.15
C LYS B 183 -0.64 -1.90 -18.19
N LYS B 184 -0.36 -2.86 -19.04
CA LYS B 184 -1.14 -4.07 -19.16
C LYS B 184 -0.21 -5.24 -18.86
N VAL B 185 -0.70 -6.21 -18.10
CA VAL B 185 0.01 -7.45 -17.77
C VAL B 185 -1.01 -8.56 -18.07
N ASP B 186 -0.67 -9.43 -19.04
CA ASP B 186 -1.48 -10.54 -19.52
C ASP B 186 -2.89 -10.16 -19.96
N GLY B 187 -3.00 -9.04 -20.67
CA GLY B 187 -4.25 -8.53 -21.20
C GLY B 187 -5.06 -7.71 -20.23
N VAL B 188 -4.58 -7.53 -18.98
CA VAL B 188 -5.32 -6.82 -17.95
C VAL B 188 -4.70 -5.46 -17.65
N VAL B 189 -5.48 -4.37 -17.81
CA VAL B 189 -5.01 -3.02 -17.47
C VAL B 189 -4.78 -2.95 -15.97
N GLN B 190 -3.58 -2.64 -15.61
CA GLN B 190 -3.15 -2.57 -14.22
C GLN B 190 -3.54 -1.28 -13.56
N GLN B 191 -3.61 -1.31 -12.25
CA GLN B 191 -3.76 -0.11 -11.46
C GLN B 191 -2.32 0.15 -11.02
N LEU B 192 -1.64 1.14 -11.63
CA LEU B 192 -0.26 1.45 -11.25
C LEU B 192 -0.27 2.01 -9.83
N PRO B 193 0.74 1.64 -9.01
CA PRO B 193 0.69 2.07 -7.61
C PRO B 193 0.90 3.56 -7.43
N GLU B 194 0.53 4.07 -6.23
CA GLU B 194 0.84 5.43 -5.77
C GLU B 194 2.37 5.46 -5.67
N THR B 195 3.01 6.50 -6.19
CA THR B 195 4.46 6.54 -6.21
C THR B 195 5.03 7.91 -6.05
N TYR B 196 6.20 7.96 -5.44
CA TYR B 196 6.97 9.20 -5.44
C TYR B 196 7.80 9.15 -6.74
N PHE B 197 8.42 10.27 -7.11
CA PHE B 197 9.30 10.28 -8.26
C PHE B 197 10.58 10.89 -7.87
N THR B 198 11.70 10.31 -8.35
CA THR B 198 12.98 10.96 -8.21
C THR B 198 13.00 12.20 -9.13
N GLN B 199 13.78 13.21 -8.75
CA GLN B 199 13.85 14.50 -9.42
C GLN B 199 14.87 14.58 -10.57
N SER B 200 15.77 13.59 -10.68
CA SER B 200 16.76 13.49 -11.76
C SER B 200 17.65 14.73 -11.95
N ARG B 201 18.02 15.37 -10.86
CA ARG B 201 18.89 16.54 -10.91
C ARG B 201 20.37 16.15 -10.94
N ASN B 202 21.25 17.09 -11.37
CA ASN B 202 22.72 16.91 -11.39
C ASN B 202 23.26 17.63 -10.19
N LEU B 203 24.45 17.26 -9.76
CA LEU B 203 25.13 17.92 -8.66
C LEU B 203 25.64 19.32 -9.07
N GLN B 204 26.18 19.44 -10.29
CA GLN B 204 26.76 20.68 -10.80
C GLN B 204 25.72 21.77 -11.02
N GLU B 205 24.52 21.41 -11.48
CA GLU B 205 23.49 22.39 -11.75
C GLU B 205 22.22 22.13 -10.95
N PHE B 206 22.38 21.73 -9.69
CA PHE B 206 21.24 21.44 -8.83
C PHE B 206 20.39 22.68 -8.56
N LYS B 207 19.09 22.57 -8.76
CA LYS B 207 18.17 23.66 -8.44
C LYS B 207 17.07 23.19 -7.50
N PRO B 208 16.80 23.98 -6.44
CA PRO B 208 15.72 23.62 -5.51
C PRO B 208 14.35 23.72 -6.17
N ARG B 209 13.42 22.83 -5.78
CA ARG B 209 12.08 22.82 -6.39
C ARG B 209 10.94 22.99 -5.38
N SER B 210 11.25 23.58 -4.23
CA SER B 210 10.29 23.88 -3.17
C SER B 210 10.89 24.90 -2.20
N GLN B 211 10.06 25.52 -1.34
CA GLN B 211 10.57 26.46 -0.36
C GLN B 211 11.47 25.74 0.66
N MET B 212 11.13 24.50 1.02
CA MET B 212 11.94 23.69 1.93
C MET B 212 13.33 23.46 1.35
N GLU B 213 13.41 23.18 0.05
CA GLU B 213 14.69 22.94 -0.62
C GLU B 213 15.53 24.20 -0.73
N ILE B 214 14.89 25.36 -0.91
CA ILE B 214 15.56 26.67 -0.94
C ILE B 214 16.13 26.95 0.46
N ASP B 215 15.35 26.66 1.51
CA ASP B 215 15.76 26.83 2.90
C ASP B 215 16.90 25.90 3.27
N PHE B 216 16.90 24.67 2.76
CA PHE B 216 17.97 23.72 3.03
C PHE B 216 19.29 24.23 2.47
N LEU B 217 19.28 24.79 1.25
CA LEU B 217 20.49 25.28 0.62
C LEU B 217 20.96 26.64 1.19
N GLU B 218 20.04 27.50 1.61
CA GLU B 218 20.42 28.82 2.11
C GLU B 218 20.73 28.84 3.62
N LEU B 219 19.90 28.18 4.41
CA LEU B 219 20.01 28.14 5.85
C LEU B 219 21.14 27.24 6.35
N ALA B 220 21.61 27.50 7.58
CA ALA B 220 22.60 26.66 8.24
C ALA B 220 21.88 25.43 8.79
N MET B 221 22.60 24.31 8.94
CA MET B 221 22.04 23.05 9.41
C MET B 221 21.08 23.16 10.61
N ASP B 222 21.53 23.76 11.70
CA ASP B 222 20.72 23.87 12.91
C ASP B 222 19.45 24.70 12.75
N GLU B 223 19.49 25.79 11.97
CA GLU B 223 18.28 26.61 11.81
C GLU B 223 17.31 25.99 10.82
N PHE B 224 17.79 25.18 9.85
CA PHE B 224 16.86 24.50 8.93
C PHE B 224 16.09 23.44 9.71
N ILE B 225 16.82 22.58 10.44
CA ILE B 225 16.25 21.51 11.26
C ILE B 225 15.26 22.08 12.28
N GLU B 226 15.57 23.26 12.83
CA GLU B 226 14.72 23.96 13.78
C GLU B 226 13.45 24.44 13.08
N ARG B 227 13.58 25.14 11.93
CA ARG B 227 12.46 25.67 11.17
C ARG B 227 11.47 24.60 10.72
N TYR B 228 11.97 23.42 10.32
CA TYR B 228 11.10 22.35 9.83
C TYR B 228 10.80 21.26 10.85
N LYS B 229 11.15 21.48 12.13
CA LYS B 229 10.88 20.56 13.24
C LYS B 229 11.39 19.15 12.95
N LEU B 230 12.63 19.07 12.51
CA LEU B 230 13.26 17.80 12.15
C LEU B 230 14.18 17.24 13.23
N GLU B 231 14.09 17.73 14.47
CA GLU B 231 14.90 17.22 15.57
C GLU B 231 14.53 15.75 15.84
N GLY B 232 15.53 14.90 15.93
CA GLY B 232 15.32 13.47 16.18
C GLY B 232 15.25 12.62 14.93
N TYR B 233 15.32 13.24 13.74
CA TYR B 233 15.25 12.49 12.47
C TYR B 233 16.60 12.24 11.81
N ALA B 234 17.70 12.51 12.52
CA ALA B 234 19.06 12.32 12.07
C ALA B 234 19.38 12.91 10.69
N PHE B 235 18.83 14.11 10.36
CA PHE B 235 19.15 14.77 9.09
C PHE B 235 20.62 15.18 9.05
N GLU B 236 21.23 15.45 10.23
CA GLU B 236 22.64 15.79 10.37
C GLU B 236 23.50 14.68 9.75
N HIS B 237 23.11 13.41 9.98
CA HIS B 237 23.79 12.25 9.43
C HIS B 237 23.26 11.90 8.00
N ILE B 238 21.96 11.60 7.87
CA ILE B 238 21.33 11.20 6.62
C ILE B 238 21.46 12.20 5.46
N VAL B 239 21.11 13.46 5.69
CA VAL B 239 21.06 14.43 4.60
C VAL B 239 22.29 15.32 4.51
N TYR B 240 22.73 15.90 5.61
CA TYR B 240 23.91 16.78 5.61
C TYR B 240 25.21 16.02 5.42
N GLY B 241 25.30 14.85 6.03
CA GLY B 241 26.50 14.04 5.97
C GLY B 241 27.45 14.32 7.11
N ASP B 242 28.07 13.27 7.61
CA ASP B 242 29.03 13.36 8.68
C ASP B 242 30.40 13.09 8.09
N PHE B 243 31.28 14.10 8.06
CA PHE B 243 32.61 13.94 7.50
C PHE B 243 33.69 13.91 8.57
N SER B 244 33.34 13.62 9.83
CA SER B 244 34.30 13.64 10.94
C SER B 244 35.05 12.34 11.13
N HIS B 245 34.58 11.20 10.58
CA HIS B 245 35.30 9.93 10.73
C HIS B 245 35.80 9.42 9.38
N SER B 246 36.70 8.40 9.38
CA SER B 246 37.21 7.84 8.12
C SER B 246 36.10 7.33 7.23
N GLN B 247 35.02 6.78 7.82
CA GLN B 247 33.88 6.39 7.01
C GLN B 247 32.88 7.53 7.02
N LEU B 248 32.58 8.06 5.84
CA LEU B 248 31.63 9.13 5.59
C LEU B 248 30.27 8.67 6.07
N GLY B 249 29.69 9.45 6.96
CA GLY B 249 28.40 9.14 7.55
C GLY B 249 27.25 9.67 6.73
N GLY B 250 26.23 8.84 6.56
CA GLY B 250 25.02 9.19 5.83
C GLY B 250 25.25 9.71 4.43
N LEU B 251 24.68 10.89 4.15
CA LEU B 251 24.75 11.59 2.85
C LEU B 251 24.05 10.76 1.73
N HIS B 252 22.73 10.55 1.89
CA HIS B 252 21.98 9.75 0.93
C HIS B 252 21.00 10.52 0.06
N LEU B 253 20.86 11.82 0.26
CA LEU B 253 19.94 12.63 -0.56
C LEU B 253 20.77 13.50 -1.43
N LEU B 254 20.47 13.56 -2.73
CA LEU B 254 21.24 14.40 -3.65
C LEU B 254 21.35 15.87 -3.21
N ILE B 255 20.28 16.45 -2.63
CA ILE B 255 20.31 17.84 -2.16
C ILE B 255 21.44 18.08 -1.14
N GLY B 256 21.71 17.11 -0.28
CA GLY B 256 22.80 17.22 0.68
C GLY B 256 24.16 17.20 0.03
N LEU B 257 24.32 16.37 -1.01
CA LEU B 257 25.57 16.32 -1.77
C LEU B 257 25.77 17.66 -2.49
N ALA B 258 24.68 18.29 -2.99
CA ALA B 258 24.74 19.56 -3.70
C ALA B 258 25.13 20.69 -2.74
N LYS B 259 24.63 20.65 -1.50
CA LYS B 259 24.97 21.67 -0.51
C LYS B 259 26.47 21.55 -0.15
N ARG B 260 26.98 20.33 0.02
CA ARG B 260 28.38 20.06 0.34
C ARG B 260 29.29 20.48 -0.82
N PHE B 261 28.85 20.20 -2.05
CA PHE B 261 29.56 20.51 -3.28
C PHE B 261 29.85 22.02 -3.44
N LYS B 262 28.96 22.86 -2.92
CA LYS B 262 29.10 24.31 -2.95
C LYS B 262 30.30 24.70 -2.10
N GLU B 263 30.46 24.10 -0.92
CA GLU B 263 31.60 24.38 -0.04
C GLU B 263 32.89 23.73 -0.54
N SER B 264 32.90 22.39 -0.72
CA SER B 264 34.11 21.69 -1.13
C SER B 264 33.80 20.52 -2.06
N PRO B 265 34.75 20.16 -2.94
CA PRO B 265 34.49 19.09 -3.89
C PRO B 265 34.69 17.69 -3.33
N PHE B 266 34.25 16.69 -4.09
CA PHE B 266 34.42 15.28 -3.72
C PHE B 266 34.38 14.39 -4.95
N GLU B 267 34.96 13.20 -4.84
CA GLU B 267 34.96 12.21 -5.92
C GLU B 267 33.74 11.31 -5.77
N LEU B 268 32.98 11.13 -6.85
CA LEU B 268 31.85 10.22 -6.85
C LEU B 268 32.15 9.16 -7.88
N GLU B 269 32.59 7.97 -7.48
CA GLU B 269 32.83 6.89 -8.43
CA GLU B 269 32.82 6.90 -8.45
C GLU B 269 31.51 6.14 -8.69
N ASP B 270 30.96 6.30 -9.89
CA ASP B 270 29.73 5.65 -10.34
C ASP B 270 30.15 4.26 -10.86
N PHE B 271 30.33 3.27 -9.97
CA PHE B 271 30.89 1.97 -10.33
C PHE B 271 29.92 1.02 -11.09
N ILE B 272 28.63 1.35 -11.15
CA ILE B 272 27.66 0.62 -11.99
C ILE B 272 26.99 1.72 -12.77
N PRO B 273 27.60 2.17 -13.88
CA PRO B 273 27.05 3.32 -14.59
C PRO B 273 25.81 3.01 -15.46
N MET B 274 24.67 3.23 -14.87
CA MET B 274 23.37 3.03 -15.49
C MET B 274 22.36 3.88 -14.73
N ASP B 275 21.30 4.26 -15.41
CA ASP B 275 20.22 5.03 -14.82
C ASP B 275 19.48 4.13 -13.84
N SER B 276 19.37 4.55 -12.58
CA SER B 276 18.57 3.82 -11.61
C SER B 276 18.02 4.77 -10.55
N THR B 277 16.84 4.42 -9.98
CA THR B 277 16.14 5.21 -8.96
C THR B 277 17.09 5.54 -7.79
N VAL B 278 17.82 4.53 -7.32
CA VAL B 278 18.85 4.71 -6.32
C VAL B 278 20.21 4.49 -7.02
N LYS B 279 21.14 5.39 -6.80
CA LYS B 279 22.49 5.27 -7.36
C LYS B 279 23.50 4.92 -6.26
N ASN B 280 24.49 4.08 -6.54
CA ASN B 280 25.51 3.76 -5.54
C ASN B 280 26.82 4.40 -5.96
N TYR B 281 27.46 5.14 -5.06
CA TYR B 281 28.74 5.77 -5.39
C TYR B 281 29.81 5.45 -4.40
N PHE B 282 31.05 5.35 -4.86
CA PHE B 282 32.20 5.21 -3.97
C PHE B 282 32.62 6.66 -3.83
N ILE B 283 32.31 7.29 -2.69
CA ILE B 283 32.61 8.70 -2.46
C ILE B 283 33.84 8.95 -1.61
N THR B 284 34.66 9.98 -1.97
CA THR B 284 35.85 10.38 -1.24
C THR B 284 35.69 11.90 -1.10
N ASP B 285 35.57 12.39 0.12
CA ASP B 285 35.44 13.83 0.37
C ASP B 285 36.84 14.45 0.29
N ALA B 286 37.04 15.44 -0.61
CA ALA B 286 38.37 16.02 -0.79
C ALA B 286 38.84 16.84 0.39
N GLN B 287 37.93 17.57 1.07
CA GLN B 287 38.34 18.39 2.20
C GLN B 287 38.84 17.58 3.40
N THR B 288 38.07 16.56 3.79
CA THR B 288 38.38 15.80 4.99
C THR B 288 39.09 14.46 4.79
N GLY B 289 38.89 13.82 3.65
CA GLY B 289 39.41 12.46 3.45
C GLY B 289 38.44 11.40 3.97
N SER B 290 37.23 11.81 4.39
CA SER B 290 36.17 10.91 4.82
C SER B 290 35.70 10.19 3.52
N SER B 291 35.53 8.87 3.55
CA SER B 291 35.13 8.14 2.35
C SER B 291 34.14 6.98 2.62
N LYS B 292 33.45 6.48 1.58
CA LYS B 292 32.53 5.37 1.73
C LYS B 292 32.44 4.62 0.41
N CYS B 293 32.71 3.31 0.43
CA CYS B 293 32.71 2.47 -0.76
C CYS B 293 31.39 2.42 -1.46
N VAL B 294 30.31 2.26 -0.70
CA VAL B 294 28.96 2.17 -1.26
C VAL B 294 28.06 3.18 -0.56
N CYS B 295 27.95 4.36 -1.14
CA CYS B 295 27.07 5.39 -0.63
C CYS B 295 25.85 5.47 -1.54
N SER B 296 24.72 4.92 -1.09
CA SER B 296 23.49 4.96 -1.87
C SER B 296 22.94 6.39 -1.84
N VAL B 297 22.61 6.91 -2.99
CA VAL B 297 22.11 8.28 -3.13
C VAL B 297 20.82 8.23 -3.93
N ILE B 298 19.83 8.96 -3.45
CA ILE B 298 18.58 9.10 -4.15
C ILE B 298 18.29 10.60 -4.26
N ASP B 299 17.73 11.03 -5.39
CA ASP B 299 17.33 12.41 -5.55
C ASP B 299 15.82 12.52 -5.39
N LEU B 300 15.36 12.66 -4.16
CA LEU B 300 13.96 12.89 -3.89
C LEU B 300 13.82 14.36 -3.56
N LEU B 301 12.64 14.95 -3.81
CA LEU B 301 12.33 16.32 -3.37
C LEU B 301 12.39 16.28 -1.83
N LEU B 302 13.13 17.19 -1.21
CA LEU B 302 13.32 17.16 0.24
C LEU B 302 12.01 17.02 1.04
N ASP B 303 10.92 17.60 0.54
CA ASP B 303 9.60 17.51 1.16
C ASP B 303 9.10 16.07 1.14
N ASP B 304 9.31 15.36 0.02
CA ASP B 304 8.92 13.96 -0.12
C ASP B 304 9.72 13.09 0.83
N PHE B 305 11.03 13.35 0.98
CA PHE B 305 11.87 12.59 1.89
C PHE B 305 11.46 12.84 3.35
N VAL B 306 11.09 14.09 3.68
CA VAL B 306 10.63 14.46 5.03
C VAL B 306 9.30 13.75 5.31
N GLU B 307 8.38 13.71 4.34
CA GLU B 307 7.13 12.99 4.47
C GLU B 307 7.38 11.49 4.70
N ILE B 308 8.26 10.88 3.92
CA ILE B 308 8.60 9.46 4.09
C ILE B 308 9.14 9.17 5.50
N ILE B 309 10.17 9.91 5.95
CA ILE B 309 10.80 9.66 7.25
C ILE B 309 9.85 9.96 8.42
N LYS B 310 9.03 11.03 8.32
CA LYS B 310 8.08 11.37 9.35
C LYS B 310 6.87 10.41 9.41
N SER B 311 6.72 9.53 8.42
CA SER B 311 5.62 8.58 8.38
C SER B 311 6.04 7.17 8.81
N GLN B 312 7.16 7.05 9.53
CA GLN B 312 7.61 5.74 10.00
C GLN B 312 7.50 5.56 11.49
N ASP B 313 7.33 4.31 11.92
CA ASP B 313 7.32 3.99 13.34
C ASP B 313 8.80 3.96 13.76
N LEU B 314 9.15 4.69 14.82
CA LEU B 314 10.54 4.78 15.27
C LEU B 314 10.85 3.95 16.50
N SER B 315 10.03 2.95 16.84
CA SER B 315 10.22 2.19 18.07
C SER B 315 11.01 0.87 17.93
N VAL B 316 11.61 0.60 16.76
CA VAL B 316 12.37 -0.65 16.57
C VAL B 316 13.83 -0.35 16.19
N VAL B 317 14.78 -1.18 16.67
CA VAL B 317 16.21 -0.99 16.37
C VAL B 317 16.49 -0.97 14.85
N SER B 318 16.06 -1.99 14.09
CA SER B 318 16.29 -2.02 12.66
C SER B 318 15.17 -2.71 11.90
N LYS B 319 14.74 -2.09 10.80
CA LYS B 319 13.71 -2.66 9.95
C LYS B 319 13.76 -2.14 8.52
N VAL B 320 13.17 -2.90 7.59
CA VAL B 320 13.09 -2.51 6.21
C VAL B 320 11.83 -1.68 6.03
N VAL B 321 11.97 -0.49 5.43
CA VAL B 321 10.89 0.41 5.11
C VAL B 321 10.79 0.39 3.58
N LYS B 322 9.67 -0.02 3.03
CA LYS B 322 9.48 -0.09 1.59
C LYS B 322 8.70 1.13 1.09
N VAL B 323 9.25 1.83 0.10
CA VAL B 323 8.63 3.05 -0.46
C VAL B 323 8.57 2.90 -1.98
N THR B 324 7.38 3.07 -2.58
CA THR B 324 7.26 3.05 -4.04
C THR B 324 7.81 4.36 -4.59
N ILE B 325 8.90 4.29 -5.39
CA ILE B 325 9.54 5.44 -5.99
C ILE B 325 9.79 5.07 -7.44
N ASP B 326 9.32 5.91 -8.37
CA ASP B 326 9.47 5.66 -9.80
C ASP B 326 8.78 4.37 -10.21
N TYR B 327 7.65 4.02 -9.53
CA TYR B 327 6.87 2.82 -9.79
C TYR B 327 7.52 1.54 -9.25
N THR B 328 8.74 1.61 -8.69
CA THR B 328 9.38 0.41 -8.14
C THR B 328 9.41 0.46 -6.63
N GLU B 329 9.48 -0.70 -6.01
CA GLU B 329 9.59 -0.76 -4.55
C GLU B 329 11.03 -0.55 -4.08
N ILE B 330 11.32 0.57 -3.39
CA ILE B 330 12.65 0.81 -2.86
C ILE B 330 12.70 0.44 -1.38
N SER B 331 13.62 -0.46 -1.01
CA SER B 331 13.80 -0.85 0.38
C SER B 331 14.80 0.12 1.01
N PHE B 332 14.44 0.63 2.18
CA PHE B 332 15.29 1.50 2.97
C PHE B 332 15.52 0.80 4.28
N MET B 333 16.69 0.98 4.87
CA MET B 333 16.96 0.46 6.20
C MET B 333 16.73 1.59 7.17
N LEU B 334 15.92 1.35 8.17
CA LEU B 334 15.64 2.34 9.18
C LEU B 334 16.20 1.87 10.52
N TRP B 335 17.14 2.64 11.06
CA TRP B 335 17.77 2.33 12.33
C TRP B 335 17.37 3.34 13.35
N CYS B 336 16.76 2.91 14.45
CA CYS B 336 16.30 3.80 15.49
C CYS B 336 16.88 3.43 16.86
N LYS B 337 16.82 4.38 17.80
CA LYS B 337 17.26 4.21 19.19
C LYS B 337 16.49 5.21 20.03
N ASP B 338 15.82 4.74 21.10
CA ASP B 338 15.07 5.59 22.04
C ASP B 338 14.06 6.54 21.35
N GLY B 339 13.35 6.02 20.35
CA GLY B 339 12.34 6.79 19.64
C GLY B 339 12.86 7.85 18.68
N HIS B 340 14.15 7.79 18.36
CA HIS B 340 14.74 8.72 17.41
C HIS B 340 15.48 7.97 16.31
N VAL B 341 15.53 8.56 15.12
CA VAL B 341 16.24 7.97 14.00
C VAL B 341 17.75 8.05 14.26
N GLU B 342 18.49 6.99 13.94
CA GLU B 342 19.95 6.97 13.96
C GLU B 342 20.38 7.12 12.50
N THR B 343 19.84 6.28 11.60
CA THR B 343 20.07 6.37 10.16
C THR B 343 18.87 5.81 9.36
N PHE B 344 18.75 6.23 8.11
CA PHE B 344 17.70 5.84 7.19
C PHE B 344 18.33 5.96 5.84
N TYR B 345 18.47 4.85 5.12
CA TYR B 345 19.14 4.88 3.82
C TYR B 345 18.58 3.87 2.86
N PRO B 346 18.63 4.16 1.54
CA PRO B 346 18.20 3.15 0.55
C PRO B 346 19.10 1.91 0.63
N LYS B 347 18.52 0.78 1.05
CA LYS B 347 19.15 -0.52 1.27
C LYS B 347 20.06 -1.01 0.16
N LEU B 348 21.29 -1.39 0.57
CA LEU B 348 22.37 -1.96 -0.26
C LEU B 348 22.21 -3.49 -0.10
N GLN B 349 21.54 -4.13 -1.06
CA GLN B 349 21.24 -5.56 -0.99
C GLN B 349 21.81 -6.33 -2.19
#